data_8FBM
#
_entry.id   8FBM
#
_cell.length_a   54.036
_cell.length_b   88.332
_cell.length_c   98.322
_cell.angle_alpha   90.00
_cell.angle_beta   97.67
_cell.angle_gamma   90.00
#
_symmetry.space_group_name_H-M   'P 1 21 1'
#
loop_
_entity.id
_entity.type
_entity.pdbx_description
1 polymer 'Glycylpeptide N-tetradecanoyltransferase'
2 non-polymer TETRADECANOYL-COA
3 non-polymer 2-chloro-5-[ethyl(phenyl)sulfamoyl]-N-[2-(2-oxopyrrolidin-1-yl)phenyl]benzamide
4 non-polymer DI(HYDROXYETHYL)ETHER
5 non-polymer 'CHLORIDE ION'
6 non-polymer 'TETRAETHYLENE GLYCOL'
7 non-polymer GLYCEROL
8 water water
#
_entity_poly.entity_id   1
_entity_poly.type   'polypeptide(L)'
_entity_poly.pdbx_seq_one_letter_code
;GPGSKPHKFWNTQPVVQNDDSSSEYSFGPIEIEPDSFRKEIYKLPDGFSWFDCNLWDIESQDFEDTYQLLKDHYVEDDDS
QFRFNYSKEFLRWALCVPGQKKNWLVGVRVNETKKMVGFISAIPIKVRIHNCIMNTSVVNFLCVHKKLRSKRLAPVLIKE
ITRRIRCEKIFQSIYTCGKNITKPFTIGTYWHRIINVKKLLEAGFIGIPRNMTMSSLIKYHRIPADKRIEGFRPSVDSDA
EQICKLFENYFMKYKDVSNETMNNLINYDEINHSKELGKQAYMKLDKIEDLQDKITIHQCFNVEDVKHYFTNIDKVIVTY
VRENKNKEITDLFSFFIIESTVINNERFPTINIAYSYFNIANTCSLKELFNEMLITAKNNNCDAFNTLDLMQNLQVIQDS
KFIIGTGRLRYYVFNWKIPQISPSNVGIILF
;
_entity_poly.pdbx_strand_id   A,B
#
# COMPACT_ATOMS: atom_id res chain seq x y z
N PRO A 6 5.62 21.36 10.17
CA PRO A 6 7.08 21.33 10.38
C PRO A 6 7.46 20.92 11.81
N HIS A 7 8.38 19.98 11.95
CA HIS A 7 8.77 19.52 13.28
C HIS A 7 9.59 20.59 13.99
N LYS A 8 9.36 20.73 15.30
CA LYS A 8 10.25 21.52 16.13
C LYS A 8 11.01 20.67 17.14
N PHE A 9 10.56 19.44 17.38
CA PHE A 9 11.28 18.50 18.22
C PHE A 9 11.94 17.39 17.39
N TRP A 10 11.16 16.66 16.60
CA TRP A 10 11.66 15.47 15.94
C TRP A 10 12.72 15.78 14.90
N ASN A 11 12.76 17.03 14.42
CA ASN A 11 13.84 17.44 13.55
C ASN A 11 15.19 17.38 14.25
N THR A 12 15.21 17.37 15.59
CA THR A 12 16.44 17.45 16.36
C THR A 12 16.94 16.08 16.83
N GLN A 13 16.27 14.98 16.44
CA GLN A 13 16.50 13.68 17.05
C GLN A 13 17.10 12.69 16.05
N PRO A 14 17.80 11.67 16.53
CA PRO A 14 18.39 10.65 15.65
C PRO A 14 17.35 9.62 15.19
N VAL A 15 16.52 10.08 14.24
CA VAL A 15 15.56 9.21 13.54
C VAL A 15 15.61 9.58 12.07
N VAL A 16 15.14 8.65 11.25
CA VAL A 16 14.99 8.91 9.83
C VAL A 16 13.89 9.93 9.63
N GLN A 17 14.20 10.99 8.89
CA GLN A 17 13.26 12.07 8.63
C GLN A 17 12.40 11.78 7.40
N ASN A 18 11.21 12.39 7.37
CA ASN A 18 10.26 12.08 6.31
C ASN A 18 10.77 12.47 4.93
N ASP A 19 11.76 13.36 4.86
CA ASP A 19 12.34 13.80 3.59
C ASP A 19 13.71 13.21 3.32
N ASP A 20 14.27 12.46 4.27
CA ASP A 20 15.66 12.01 4.20
C ASP A 20 15.76 10.65 3.53
N SER A 21 16.73 10.53 2.62
CA SER A 21 17.14 9.22 2.12
C SER A 21 18.55 9.38 1.54
N SER A 22 19.52 8.60 2.03
CA SER A 22 20.90 8.84 1.65
C SER A 22 21.86 7.68 1.91
N SER A 23 22.26 7.47 3.17
CA SER A 23 23.45 6.69 3.50
C SER A 23 23.57 5.40 2.68
N GLU A 24 24.81 4.98 2.44
CA GLU A 24 25.09 3.76 1.68
C GLU A 24 24.84 2.50 2.50
N TYR A 25 24.50 2.64 3.79
CA TYR A 25 24.17 1.53 4.66
C TYR A 25 22.67 1.51 4.91
N SER A 26 22.04 0.34 4.74
CA SER A 26 20.60 0.26 4.94
C SER A 26 20.26 0.04 6.41
N PHE A 27 21.17 -0.57 7.17
CA PHE A 27 20.96 -0.91 8.58
C PHE A 27 22.10 -0.39 9.44
N GLY A 28 21.80 -0.11 10.70
CA GLY A 28 22.81 0.21 11.68
C GLY A 28 22.44 1.44 12.51
N PRO A 29 23.24 1.76 13.51
CA PRO A 29 22.89 2.89 14.37
C PRO A 29 22.96 4.20 13.60
N ILE A 30 22.06 5.13 13.95
CA ILE A 30 22.11 6.45 13.32
C ILE A 30 23.25 7.25 13.89
N GLU A 31 23.46 7.19 15.21
CA GLU A 31 24.61 7.80 15.84
C GLU A 31 25.11 6.87 16.94
N ILE A 32 26.36 7.04 17.33
CA ILE A 32 26.99 6.26 18.40
C ILE A 32 27.55 7.29 19.37
N GLU A 33 26.78 7.58 20.42
CA GLU A 33 27.07 8.67 21.35
C GLU A 33 26.92 8.14 22.77
N PRO A 34 27.84 7.26 23.21
CA PRO A 34 27.68 6.66 24.55
C PRO A 34 28.08 7.57 25.67
N ASP A 35 28.85 8.61 25.42
CA ASP A 35 29.40 9.44 26.48
C ASP A 35 28.83 10.85 26.53
N SER A 36 28.21 11.33 25.46
CA SER A 36 27.88 12.75 25.33
C SER A 36 26.45 13.09 25.71
N PHE A 37 25.62 12.12 26.05
CA PHE A 37 24.21 12.43 26.26
C PHE A 37 24.00 13.22 27.56
N ARG A 38 22.96 14.03 27.55
CA ARG A 38 22.59 14.80 28.73
C ARG A 38 22.14 13.84 29.82
N LYS A 39 22.63 14.08 31.04
CA LYS A 39 22.27 13.27 32.18
C LYS A 39 21.48 14.03 33.23
N GLU A 40 21.39 15.34 33.13
CA GLU A 40 20.63 16.11 34.11
C GLU A 40 19.14 16.04 33.80
N ILE A 41 18.34 15.80 34.84
CA ILE A 41 16.90 15.70 34.66
C ILE A 41 16.33 16.94 33.98
N TYR A 42 15.29 16.75 33.18
CA TYR A 42 14.63 17.85 32.45
C TYR A 42 13.64 18.59 33.36
N LYS A 43 13.64 19.93 33.24
CA LYS A 43 12.73 20.76 34.00
C LYS A 43 11.32 20.70 33.42
N LEU A 44 10.35 20.59 34.30
CA LEU A 44 8.95 20.76 33.93
C LEU A 44 8.56 22.20 34.19
N PRO A 45 7.41 22.62 33.71
CA PRO A 45 6.93 23.97 34.07
C PRO A 45 6.76 24.09 35.57
N ASP A 46 6.76 25.34 36.03
CA ASP A 46 6.57 25.60 37.45
C ASP A 46 5.25 24.99 37.91
N GLY A 47 5.27 24.34 39.06
CA GLY A 47 4.08 23.73 39.60
C GLY A 47 3.92 22.26 39.32
N PHE A 48 4.83 21.64 38.56
CA PHE A 48 4.72 20.25 38.17
C PHE A 48 5.95 19.46 38.65
N SER A 49 5.78 18.17 38.90
CA SER A 49 6.87 17.34 39.39
C SER A 49 6.85 15.98 38.74
N TRP A 50 8.04 15.45 38.56
CA TRP A 50 8.24 14.08 38.13
C TRP A 50 7.99 13.14 39.33
N PHE A 51 7.49 11.95 39.05
CA PHE A 51 7.52 10.88 40.06
C PHE A 51 7.68 9.52 39.38
N ASP A 52 8.29 8.58 40.11
CA ASP A 52 8.38 7.22 39.64
C ASP A 52 7.08 6.53 39.99
N CYS A 53 6.39 5.99 39.00
CA CYS A 53 4.99 5.63 39.19
C CYS A 53 4.94 4.25 39.82
N ASN A 54 4.28 4.14 40.98
CA ASN A 54 4.30 2.88 41.74
C ASN A 54 3.25 1.94 41.18
N LEU A 55 3.59 1.25 40.08
CA LEU A 55 2.72 0.19 39.59
C LEU A 55 3.09 -1.19 40.19
N TRP A 56 3.95 -1.21 41.21
CA TRP A 56 4.36 -2.44 41.87
C TRP A 56 3.38 -2.90 42.92
N ASP A 57 2.42 -2.07 43.27
CA ASP A 57 1.35 -2.41 44.19
C ASP A 57 0.07 -2.02 43.47
N ILE A 58 -0.74 -3.02 43.11
CA ILE A 58 -1.93 -2.77 42.32
C ILE A 58 -2.95 -1.98 43.10
N GLU A 59 -2.83 -1.92 44.43
CA GLU A 59 -3.70 -1.12 45.27
C GLU A 59 -3.19 0.31 45.49
N SER A 60 -2.04 0.69 44.92
CA SER A 60 -1.49 2.00 45.27
C SER A 60 -2.29 3.15 44.66
N GLN A 61 -2.15 4.33 45.27
CA GLN A 61 -2.74 5.54 44.69
C GLN A 61 -2.15 5.86 43.32
N ASP A 62 -0.83 5.66 43.13
CA ASP A 62 -0.27 5.88 41.78
C ASP A 62 -1.00 5.02 40.75
N PHE A 63 -1.28 3.77 41.10
CA PHE A 63 -1.90 2.91 40.10
C PHE A 63 -3.31 3.40 39.77
N GLU A 64 -4.07 3.80 40.78
CA GLU A 64 -5.38 4.39 40.55
C GLU A 64 -5.27 5.65 39.68
N ASP A 65 -4.32 6.55 40.00
CA ASP A 65 -4.22 7.79 39.21
C ASP A 65 -3.84 7.49 37.75
N THR A 66 -2.92 6.53 37.54
CA THR A 66 -2.53 6.16 36.18
C THR A 66 -3.70 5.55 35.42
N TYR A 67 -4.46 4.67 36.08
CA TYR A 67 -5.63 4.06 35.48
C TYR A 67 -6.64 5.13 35.06
N GLN A 68 -6.90 6.11 35.95
CA GLN A 68 -7.87 7.14 35.63
C GLN A 68 -7.35 8.06 34.52
N LEU A 69 -6.05 8.40 34.57
CA LEU A 69 -5.47 9.26 33.54
C LEU A 69 -5.67 8.65 32.16
N LEU A 70 -5.30 7.38 31.99
CA LEU A 70 -5.40 6.71 30.70
C LEU A 70 -6.85 6.49 30.32
N LYS A 71 -7.69 6.20 31.31
CA LYS A 71 -9.10 5.98 31.04
C LYS A 71 -9.75 7.19 30.38
N ASP A 72 -9.41 8.39 30.82
CA ASP A 72 -10.03 9.60 30.32
C ASP A 72 -9.20 10.34 29.28
N HIS A 73 -7.93 9.97 29.07
CA HIS A 73 -7.06 10.79 28.22
C HIS A 73 -6.17 10.01 27.26
N TYR A 74 -6.30 8.68 27.16
CA TYR A 74 -5.39 7.97 26.27
C TYR A 74 -5.99 7.92 24.87
N VAL A 75 -5.50 7.01 24.05
CA VAL A 75 -5.73 7.04 22.62
C VAL A 75 -7.20 6.82 22.29
N GLU A 76 -7.71 7.66 21.42
CA GLU A 76 -9.03 7.57 20.83
C GLU A 76 -8.86 7.34 19.33
N ASP A 77 -9.86 6.72 18.72
CA ASP A 77 -9.88 6.66 17.26
C ASP A 77 -10.05 8.09 16.70
N ASP A 78 -9.83 8.24 15.39
CA ASP A 78 -9.84 9.59 14.81
C ASP A 78 -11.20 10.29 14.95
N ASP A 79 -12.29 9.53 14.98
N ASP A 79 -12.30 9.54 14.98
CA ASP A 79 -13.64 10.05 15.13
CA ASP A 79 -13.61 10.14 15.15
C ASP A 79 -14.03 10.23 16.61
C ASP A 79 -14.01 10.29 16.62
N SER A 80 -13.14 9.93 17.54
CA SER A 80 -13.42 10.06 18.97
C SER A 80 -14.70 9.32 19.35
N GLN A 81 -14.89 8.12 18.80
CA GLN A 81 -15.99 7.25 19.24
C GLN A 81 -15.58 6.27 20.33
N PHE A 82 -14.30 5.93 20.39
CA PHE A 82 -13.74 4.90 21.26
C PHE A 82 -12.47 5.42 21.88
N ARG A 83 -12.22 4.97 23.12
CA ARG A 83 -10.99 5.27 23.85
C ARG A 83 -10.60 4.04 24.64
N PHE A 84 -9.32 3.64 24.55
CA PHE A 84 -8.86 2.49 25.33
C PHE A 84 -9.15 2.70 26.81
N ASN A 85 -9.52 1.62 27.48
CA ASN A 85 -9.78 1.60 28.91
C ASN A 85 -9.00 0.44 29.54
N TYR A 86 -7.67 0.56 29.47
CA TYR A 86 -6.77 -0.47 30.01
C TYR A 86 -7.07 -0.75 31.48
N SER A 87 -7.18 -2.03 31.83
CA SER A 87 -7.37 -2.40 33.23
C SER A 87 -6.03 -2.30 33.99
N LYS A 88 -6.13 -2.23 35.32
CA LYS A 88 -4.92 -2.29 36.12
C LYS A 88 -4.20 -3.62 35.94
N GLU A 89 -4.94 -4.73 35.90
CA GLU A 89 -4.28 -6.02 35.69
C GLU A 89 -3.55 -6.06 34.33
N PHE A 90 -4.09 -5.45 33.30
CA PHE A 90 -3.35 -5.39 32.04
C PHE A 90 -2.09 -4.54 32.17
N LEU A 91 -2.22 -3.35 32.73
CA LEU A 91 -1.06 -2.47 32.89
C LEU A 91 0.05 -3.15 33.67
N ARG A 92 -0.32 -3.86 34.74
N ARG A 92 -0.31 -3.83 34.76
CA ARG A 92 0.68 -4.58 35.53
CA ARG A 92 0.68 -4.58 35.53
C ARG A 92 1.41 -5.61 34.69
C ARG A 92 1.42 -5.57 34.64
N TRP A 93 0.67 -6.33 33.84
CA TRP A 93 1.27 -7.35 32.97
C TRP A 93 2.12 -6.72 31.86
N ALA A 94 1.65 -5.62 31.27
CA ALA A 94 2.35 -5.00 30.15
C ALA A 94 3.58 -4.18 30.54
N LEU A 95 3.71 -3.78 31.81
CA LEU A 95 4.76 -2.86 32.23
C LEU A 95 5.67 -3.41 33.34
N CYS A 96 5.20 -4.35 34.16
CA CYS A 96 6.04 -4.93 35.22
C CYS A 96 6.65 -6.23 34.70
N VAL A 97 7.52 -6.06 33.71
CA VAL A 97 8.05 -7.15 32.91
C VAL A 97 9.44 -7.51 33.42
N PRO A 98 9.95 -8.69 33.06
CA PRO A 98 11.27 -9.11 33.56
C PRO A 98 12.35 -8.12 33.15
N GLY A 99 13.14 -7.69 34.13
CA GLY A 99 14.20 -6.74 33.91
C GLY A 99 13.79 -5.29 34.00
N GLN A 100 12.49 -5.03 34.23
CA GLN A 100 12.00 -3.65 34.27
C GLN A 100 12.72 -2.86 35.37
N LYS A 101 12.84 -1.54 35.15
CA LYS A 101 13.45 -0.62 36.10
C LYS A 101 12.36 0.23 36.73
N LYS A 102 12.44 0.50 38.03
CA LYS A 102 11.38 1.30 38.63
C LYS A 102 11.30 2.72 38.05
N ASN A 103 12.43 3.30 37.65
CA ASN A 103 12.40 4.66 37.16
C ASN A 103 12.05 4.77 35.67
N TRP A 104 11.67 3.65 35.02
CA TRP A 104 11.16 3.72 33.68
C TRP A 104 9.63 3.84 33.63
N LEU A 105 8.96 4.00 34.76
CA LEU A 105 7.52 4.26 34.82
C LEU A 105 7.38 5.67 35.35
N VAL A 106 7.11 6.61 34.46
CA VAL A 106 7.35 8.03 34.73
C VAL A 106 6.03 8.81 34.70
N GLY A 107 5.71 9.45 35.84
CA GLY A 107 4.53 10.27 35.97
C GLY A 107 4.81 11.77 36.14
N VAL A 108 3.81 12.59 35.82
CA VAL A 108 3.84 14.02 36.06
C VAL A 108 2.65 14.37 36.94
N ARG A 109 2.92 15.09 38.01
CA ARG A 109 1.92 15.43 39.00
C ARG A 109 1.87 16.94 39.18
N VAL A 110 0.65 17.47 39.29
CA VAL A 110 0.45 18.88 39.64
C VAL A 110 0.63 19.07 41.14
N ASN A 111 1.60 19.90 41.52
CA ASN A 111 1.94 20.09 42.93
C ASN A 111 0.75 20.61 43.73
N GLU A 112 -0.04 21.50 43.15
CA GLU A 112 -1.12 22.13 43.91
C GLU A 112 -2.24 21.12 44.18
N THR A 113 -2.54 20.26 43.21
CA THR A 113 -3.71 19.42 43.32
C THR A 113 -3.35 17.97 43.61
N LYS A 114 -2.09 17.57 43.44
CA LYS A 114 -1.67 16.18 43.49
C LYS A 114 -2.26 15.31 42.38
N LYS A 115 -2.87 15.91 41.35
CA LYS A 115 -3.39 15.12 40.23
C LYS A 115 -2.27 14.71 39.28
N MET A 116 -2.32 13.46 38.84
CA MET A 116 -1.42 12.99 37.78
C MET A 116 -1.94 13.44 36.42
N VAL A 117 -1.11 14.13 35.66
CA VAL A 117 -1.52 14.73 34.39
C VAL A 117 -0.68 14.26 33.22
N GLY A 118 0.31 13.42 33.48
CA GLY A 118 1.25 12.97 32.47
C GLY A 118 1.78 11.62 32.85
N PHE A 119 2.06 10.80 31.83
CA PHE A 119 2.64 9.48 31.98
C PHE A 119 3.49 9.18 30.74
N ILE A 120 4.62 8.53 30.96
CA ILE A 120 5.33 7.86 29.87
C ILE A 120 6.06 6.66 30.46
N SER A 121 6.18 5.58 29.67
CA SER A 121 6.82 4.36 30.16
C SER A 121 7.78 3.78 29.12
N ALA A 122 8.78 3.07 29.61
CA ALA A 122 9.61 2.21 28.78
C ALA A 122 9.59 0.81 29.38
N ILE A 123 9.66 -0.19 28.51
CA ILE A 123 10.02 -1.53 29.00
C ILE A 123 11.29 -2.02 28.29
N PRO A 124 12.09 -2.81 28.96
CA PRO A 124 13.21 -3.48 28.29
C PRO A 124 12.70 -4.61 27.43
N ILE A 125 13.22 -4.73 26.20
CA ILE A 125 13.04 -5.93 25.41
C ILE A 125 14.35 -6.25 24.69
N LYS A 126 14.44 -7.48 24.19
CA LYS A 126 15.53 -7.95 23.34
C LYS A 126 15.03 -8.06 21.91
N VAL A 127 15.84 -7.63 20.92
CA VAL A 127 15.43 -7.76 19.54
C VAL A 127 16.58 -8.23 18.67
N ARG A 128 16.20 -8.83 17.56
CA ARG A 128 17.08 -8.97 16.42
C ARG A 128 16.61 -7.95 15.38
N ILE A 129 17.57 -7.26 14.78
CA ILE A 129 17.36 -6.42 13.59
C ILE A 129 18.38 -6.91 12.58
N HIS A 130 17.93 -7.66 11.59
CA HIS A 130 18.79 -8.14 10.51
C HIS A 130 19.96 -8.87 11.15
N ASN A 131 21.18 -8.37 10.94
CA ASN A 131 22.36 -9.11 11.37
C ASN A 131 22.86 -8.72 12.76
N CYS A 132 22.11 -7.90 13.50
CA CYS A 132 22.46 -7.49 14.86
C CYS A 132 21.42 -7.96 15.87
N ILE A 133 21.87 -8.14 17.09
CA ILE A 133 20.98 -8.35 18.22
C ILE A 133 21.33 -7.31 19.26
N MET A 134 20.36 -6.97 20.10
CA MET A 134 20.60 -5.96 21.12
C MET A 134 19.51 -5.99 22.16
N ASN A 135 19.86 -5.58 23.38
CA ASN A 135 18.86 -5.12 24.32
C ASN A 135 18.39 -3.73 23.95
N THR A 136 17.09 -3.51 23.99
CA THR A 136 16.59 -2.19 23.63
C THR A 136 15.39 -1.88 24.51
N SER A 137 14.58 -0.94 24.07
CA SER A 137 13.46 -0.45 24.87
C SER A 137 12.26 -0.28 23.94
N VAL A 138 11.08 -0.28 24.56
CA VAL A 138 9.83 0.10 23.93
C VAL A 138 9.21 1.21 24.75
N VAL A 139 8.93 2.33 24.10
CA VAL A 139 8.25 3.44 24.78
C VAL A 139 6.77 3.35 24.43
N ASN A 140 5.91 3.43 25.44
CA ASN A 140 4.47 3.23 25.25
C ASN A 140 3.71 3.98 26.36
N PHE A 141 2.41 4.11 26.16
CA PHE A 141 1.51 4.76 27.11
C PHE A 141 1.91 6.20 27.40
N LEU A 142 2.55 6.87 26.44
CA LEU A 142 2.63 8.32 26.51
C LEU A 142 1.23 8.92 26.57
N CYS A 143 1.04 9.83 27.50
CA CYS A 143 -0.29 10.41 27.73
C CYS A 143 -0.15 11.72 28.48
N VAL A 144 -0.80 12.77 27.96
CA VAL A 144 -0.94 14.07 28.62
C VAL A 144 -2.42 14.40 28.74
N HIS A 145 -2.80 14.91 29.91
CA HIS A 145 -4.17 15.33 30.17
C HIS A 145 -4.65 16.29 29.10
N LYS A 146 -5.93 16.12 28.69
CA LYS A 146 -6.49 16.92 27.60
C LYS A 146 -6.31 18.43 27.84
N LYS A 147 -6.49 18.88 29.08
N LYS A 147 -6.48 18.87 29.08
CA LYS A 147 -6.36 20.32 29.29
CA LYS A 147 -6.35 20.31 29.34
C LYS A 147 -4.92 20.82 29.21
C LYS A 147 -4.92 20.82 29.19
N LEU A 148 -3.93 19.95 29.04
CA LEU A 148 -2.53 20.39 28.92
C LEU A 148 -1.96 20.14 27.53
N ARG A 149 -2.81 19.83 26.56
CA ARG A 149 -2.35 19.47 25.23
C ARG A 149 -1.93 20.72 24.45
N SER A 150 -1.02 20.51 23.49
CA SER A 150 -0.57 21.52 22.56
C SER A 150 0.26 22.58 23.26
N LYS A 151 0.93 22.21 24.34
CA LYS A 151 1.82 23.09 25.07
C LYS A 151 3.26 22.60 25.06
N ARG A 152 3.60 21.67 24.15
CA ARG A 152 4.96 21.18 24.00
C ARG A 152 5.43 20.42 25.23
N LEU A 153 4.50 19.84 25.98
CA LEU A 153 4.90 19.03 27.12
C LEU A 153 5.38 17.65 26.69
N ALA A 154 4.81 17.10 25.61
CA ALA A 154 5.16 15.72 25.24
C ALA A 154 6.65 15.59 24.95
N PRO A 155 7.30 16.53 24.25
CA PRO A 155 8.75 16.40 24.07
C PRO A 155 9.52 16.37 25.38
N VAL A 156 9.04 17.04 26.42
CA VAL A 156 9.74 16.97 27.71
C VAL A 156 9.69 15.55 28.25
N LEU A 157 8.53 14.91 28.14
CA LEU A 157 8.40 13.52 28.55
C LEU A 157 9.28 12.60 27.73
N ILE A 158 9.34 12.83 26.41
CA ILE A 158 10.15 11.97 25.54
C ILE A 158 11.64 12.12 25.88
N LYS A 159 12.10 13.35 26.06
CA LYS A 159 13.51 13.58 26.39
C LYS A 159 13.88 12.94 27.72
N GLU A 160 12.98 13.04 28.70
CA GLU A 160 13.25 12.50 30.02
C GLU A 160 13.33 10.97 30.01
N ILE A 161 12.37 10.31 29.38
CA ILE A 161 12.48 8.85 29.31
C ILE A 161 13.72 8.47 28.48
N THR A 162 14.06 9.26 27.44
CA THR A 162 15.27 9.00 26.68
C THR A 162 16.49 9.03 27.60
N ARG A 163 16.59 10.05 28.45
CA ARG A 163 17.66 10.15 29.45
C ARG A 163 17.72 8.91 30.33
N ARG A 164 16.57 8.50 30.86
CA ARG A 164 16.55 7.37 31.78
C ARG A 164 16.92 6.07 31.10
N ILE A 165 16.61 5.93 29.81
CA ILE A 165 17.01 4.73 29.07
C ILE A 165 18.51 4.76 28.77
N ARG A 166 19.03 5.91 28.36
CA ARG A 166 20.45 5.98 28.04
C ARG A 166 21.31 5.76 29.28
N CYS A 167 20.85 6.16 30.46
CA CYS A 167 21.55 5.85 31.70
C CYS A 167 21.66 4.36 31.99
N GLU A 168 20.87 3.52 31.36
CA GLU A 168 21.01 2.08 31.45
C GLU A 168 21.85 1.50 30.31
N LYS A 169 22.48 2.36 29.50
CA LYS A 169 23.39 1.94 28.43
C LYS A 169 22.63 1.38 27.23
N ILE A 170 21.41 1.87 27.04
CA ILE A 170 20.56 1.51 25.91
C ILE A 170 20.32 2.77 25.09
N PHE A 171 20.56 2.69 23.78
CA PHE A 171 20.53 3.88 22.95
C PHE A 171 19.56 3.80 21.78
N GLN A 172 18.71 2.76 21.74
CA GLN A 172 17.68 2.60 20.73
C GLN A 172 16.35 2.35 21.43
N SER A 173 15.28 2.56 20.68
CA SER A 173 13.95 2.32 21.19
C SER A 173 13.02 2.03 20.01
N ILE A 174 11.97 1.29 20.30
CA ILE A 174 10.92 1.02 19.32
C ILE A 174 9.61 1.54 19.87
N TYR A 175 8.79 2.10 18.99
CA TYR A 175 7.49 2.64 19.38
C TYR A 175 6.57 2.57 18.17
N THR A 176 5.28 2.49 18.43
CA THR A 176 4.27 2.62 17.39
C THR A 176 3.33 3.76 17.74
N CYS A 177 2.66 4.26 16.70
N CYS A 177 2.74 4.37 16.70
CA CYS A 177 1.85 5.46 16.77
CA CYS A 177 1.77 5.43 16.89
C CYS A 177 0.72 5.32 15.76
C CYS A 177 0.69 5.26 15.84
N GLY A 178 -0.45 5.88 16.09
CA GLY A 178 -1.57 5.92 15.14
C GLY A 178 -1.48 7.07 14.15
N LYS A 179 -0.33 7.74 14.08
CA LYS A 179 -0.13 8.96 13.31
C LYS A 179 1.23 8.91 12.63
N ASN A 180 1.35 9.68 11.56
CA ASN A 180 2.65 9.86 10.95
C ASN A 180 3.39 10.97 11.70
N ILE A 181 4.56 10.64 12.25
CA ILE A 181 5.40 11.58 12.97
C ILE A 181 6.62 11.86 12.10
N THR A 182 7.64 11.01 12.20
CA THR A 182 8.72 10.99 11.24
C THR A 182 8.43 9.88 10.22
N LYS A 183 9.48 9.39 9.57
CA LYS A 183 9.34 8.36 8.55
C LYS A 183 9.24 6.97 9.20
N PRO A 184 8.14 6.25 9.03
CA PRO A 184 8.04 4.94 9.70
C PRO A 184 8.78 3.89 8.90
N PHE A 185 9.29 2.85 9.59
CA PHE A 185 9.96 1.79 8.83
C PHE A 185 8.96 0.77 8.30
N THR A 186 7.77 0.72 8.87
CA THR A 186 6.66 0.01 8.24
C THR A 186 5.34 0.59 8.76
N ILE A 187 4.27 0.23 8.06
CA ILE A 187 2.92 0.60 8.47
C ILE A 187 2.13 -0.68 8.63
N GLY A 188 1.56 -0.87 9.83
CA GLY A 188 0.74 -2.03 10.13
C GLY A 188 -0.73 -1.68 9.95
N THR A 189 -1.45 -2.57 9.31
CA THR A 189 -2.89 -2.39 9.15
C THR A 189 -3.64 -3.40 10.01
N TYR A 190 -4.59 -2.92 10.82
CA TYR A 190 -5.41 -3.81 11.63
C TYR A 190 -6.57 -4.35 10.80
N TRP A 191 -6.92 -5.61 11.06
CA TRP A 191 -8.11 -6.25 10.51
C TRP A 191 -8.96 -6.82 11.64
N HIS A 192 -10.30 -6.80 11.46
CA HIS A 192 -11.24 -7.28 12.47
C HIS A 192 -11.91 -8.58 12.02
N ARG A 193 -11.98 -9.53 12.92
CA ARG A 193 -12.95 -10.61 12.80
C ARG A 193 -14.05 -10.30 13.81
N ILE A 194 -15.22 -9.94 13.30
CA ILE A 194 -16.34 -9.46 14.11
C ILE A 194 -17.05 -10.67 14.72
N ILE A 195 -17.15 -10.68 16.05
CA ILE A 195 -17.79 -11.78 16.77
C ILE A 195 -19.23 -11.39 17.09
N ASN A 196 -19.41 -10.28 17.81
CA ASN A 196 -20.75 -9.82 18.21
C ASN A 196 -21.19 -8.69 17.28
N VAL A 197 -21.87 -9.08 16.20
CA VAL A 197 -22.21 -8.13 15.14
C VAL A 197 -23.14 -7.03 15.64
N LYS A 198 -24.26 -7.41 16.27
CA LYS A 198 -25.27 -6.42 16.63
C LYS A 198 -24.74 -5.43 17.64
N LYS A 199 -24.03 -5.93 18.66
CA LYS A 199 -23.42 -5.03 19.64
C LYS A 199 -22.48 -4.04 18.97
N LEU A 200 -21.60 -4.53 18.12
CA LEU A 200 -20.61 -3.64 17.52
C LEU A 200 -21.25 -2.71 16.48
N LEU A 201 -22.37 -3.12 15.88
CA LEU A 201 -23.12 -2.20 15.02
C LEU A 201 -23.74 -1.09 15.86
N GLU A 202 -24.29 -1.44 17.03
CA GLU A 202 -24.94 -0.43 17.87
C GLU A 202 -23.90 0.48 18.48
N ALA A 203 -22.69 -0.01 18.68
CA ALA A 203 -21.65 0.82 19.25
C ALA A 203 -20.98 1.72 18.21
N GLY A 204 -21.26 1.54 16.92
CA GLY A 204 -20.62 2.27 15.86
C GLY A 204 -19.26 1.77 15.45
N PHE A 205 -18.89 0.57 15.87
CA PHE A 205 -17.58 0.02 15.54
C PHE A 205 -17.57 -0.49 14.10
N ILE A 206 -18.70 -0.97 13.62
CA ILE A 206 -18.88 -1.37 12.24
C ILE A 206 -20.15 -0.72 11.76
N GLY A 207 -20.27 -0.60 10.44
CA GLY A 207 -21.50 -0.16 9.81
C GLY A 207 -22.06 -1.32 9.01
N ILE A 208 -23.31 -1.17 8.60
CA ILE A 208 -23.93 -2.13 7.67
C ILE A 208 -23.99 -1.45 6.30
N PRO A 209 -23.57 -2.14 5.23
CA PRO A 209 -23.63 -1.53 3.90
C PRO A 209 -25.05 -1.35 3.39
N ARG A 210 -25.14 -0.51 2.37
CA ARG A 210 -26.43 -0.11 1.83
C ARG A 210 -27.22 -1.27 1.23
N ASN A 211 -26.57 -2.22 0.60
CA ASN A 211 -27.32 -3.22 -0.16
C ASN A 211 -27.23 -4.58 0.54
N MET A 212 -27.30 -4.56 1.87
CA MET A 212 -27.19 -5.78 2.66
C MET A 212 -28.24 -5.76 3.75
N THR A 213 -28.96 -6.88 3.91
CA THR A 213 -29.90 -7.01 5.02
C THR A 213 -29.16 -7.27 6.33
N MET A 214 -29.86 -7.04 7.44
CA MET A 214 -29.25 -7.34 8.73
C MET A 214 -28.85 -8.80 8.81
N SER A 215 -29.74 -9.72 8.41
CA SER A 215 -29.37 -11.13 8.55
C SER A 215 -28.20 -11.50 7.63
N SER A 216 -27.99 -10.77 6.53
CA SER A 216 -26.82 -11.07 5.71
C SER A 216 -25.54 -10.62 6.37
N LEU A 217 -25.55 -9.46 7.02
CA LEU A 217 -24.38 -9.01 7.74
C LEU A 217 -24.04 -9.98 8.88
N ILE A 218 -25.06 -10.37 9.64
CA ILE A 218 -24.83 -11.33 10.72
C ILE A 218 -24.25 -12.63 10.17
N LYS A 219 -24.80 -13.13 9.07
CA LYS A 219 -24.30 -14.39 8.51
C LYS A 219 -22.89 -14.24 7.97
N TYR A 220 -22.59 -13.08 7.36
CA TYR A 220 -21.26 -12.86 6.82
C TYR A 220 -20.18 -13.09 7.89
N HIS A 221 -20.38 -12.53 9.06
CA HIS A 221 -19.39 -12.53 10.13
C HIS A 221 -19.49 -13.74 11.04
N ARG A 222 -20.46 -14.61 10.82
N ARG A 222 -20.47 -14.61 10.81
CA ARG A 222 -20.70 -15.76 11.69
CA ARG A 222 -20.70 -15.76 11.68
C ARG A 222 -19.43 -16.61 11.76
C ARG A 222 -19.45 -16.65 11.75
N ILE A 223 -19.20 -17.21 12.93
CA ILE A 223 -18.12 -18.16 13.14
C ILE A 223 -18.70 -19.57 13.04
N PRO A 224 -18.39 -20.35 12.00
CA PRO A 224 -18.66 -21.78 12.08
C PRO A 224 -17.66 -22.47 13.01
N ALA A 225 -18.17 -23.04 14.10
CA ALA A 225 -17.37 -23.90 14.96
C ALA A 225 -17.58 -25.38 14.61
N ASP A 226 -17.94 -25.65 13.35
CA ASP A 226 -18.07 -27.01 12.85
C ASP A 226 -16.71 -27.64 12.59
N LYS A 227 -15.80 -26.90 11.94
CA LYS A 227 -14.43 -27.37 11.75
C LYS A 227 -13.62 -27.00 12.98
N ARG A 228 -13.12 -28.03 13.69
CA ARG A 228 -12.25 -27.85 14.84
C ARG A 228 -11.01 -28.73 14.68
N ILE A 229 -9.94 -28.35 15.38
CA ILE A 229 -8.74 -29.18 15.45
C ILE A 229 -8.41 -29.42 16.92
N GLU A 230 -7.93 -30.61 17.22
CA GLU A 230 -7.80 -31.07 18.58
C GLU A 230 -6.40 -30.84 19.12
N GLY A 231 -6.30 -30.82 20.44
CA GLY A 231 -5.03 -30.87 21.13
C GLY A 231 -4.55 -29.58 21.75
N PHE A 232 -5.29 -28.48 21.60
CA PHE A 232 -4.86 -27.20 22.17
C PHE A 232 -5.31 -27.07 23.61
N ARG A 233 -4.40 -26.58 24.46
CA ARG A 233 -4.70 -26.37 25.87
C ARG A 233 -4.06 -25.07 26.33
N PRO A 234 -4.55 -24.48 27.42
CA PRO A 234 -3.84 -23.34 28.01
C PRO A 234 -2.42 -23.71 28.37
N SER A 235 -1.49 -22.82 28.06
CA SER A 235 -0.14 -22.95 28.57
C SER A 235 -0.12 -22.86 30.10
N VAL A 236 0.93 -23.40 30.69
CA VAL A 236 1.22 -23.27 32.12
C VAL A 236 2.71 -22.95 32.24
N ASP A 237 3.13 -22.52 33.44
CA ASP A 237 4.49 -22.03 33.62
C ASP A 237 5.53 -23.09 33.26
N SER A 238 5.24 -24.37 33.53
CA SER A 238 6.19 -25.43 33.21
C SER A 238 6.38 -25.65 31.72
N ASP A 239 5.58 -25.01 30.85
CA ASP A 239 5.79 -25.08 29.40
C ASP A 239 6.89 -24.17 28.90
N ALA A 240 7.56 -23.40 29.77
CA ALA A 240 8.31 -22.24 29.28
C ALA A 240 9.54 -22.65 28.49
N GLU A 241 10.22 -23.72 28.88
CA GLU A 241 11.37 -24.15 28.09
C GLU A 241 10.93 -24.60 26.69
N GLN A 242 9.84 -25.34 26.60
CA GLN A 242 9.37 -25.80 25.29
C GLN A 242 8.87 -24.64 24.44
N ILE A 243 8.19 -23.69 25.05
CA ILE A 243 7.75 -22.55 24.26
C ILE A 243 8.94 -21.74 23.78
N CYS A 244 9.97 -21.63 24.62
CA CYS A 244 11.16 -20.87 24.27
C CYS A 244 11.80 -21.45 23.02
N LYS A 245 11.93 -22.78 22.98
CA LYS A 245 12.50 -23.43 21.81
C LYS A 245 11.57 -23.28 20.61
N LEU A 246 10.25 -23.30 20.84
CA LEU A 246 9.33 -23.14 19.72
C LEU A 246 9.54 -21.80 19.02
N PHE A 247 9.70 -20.72 19.79
CA PHE A 247 10.00 -19.41 19.22
C PHE A 247 11.39 -19.38 18.56
N GLU A 248 12.40 -19.97 19.18
CA GLU A 248 13.71 -20.04 18.53
C GLU A 248 13.59 -20.68 17.15
N ASN A 249 12.89 -21.81 17.07
N ASN A 249 12.92 -21.83 17.06
CA ASN A 249 12.81 -22.50 15.79
CA ASN A 249 12.80 -22.50 15.78
C ASN A 249 12.02 -21.68 14.78
C ASN A 249 12.05 -21.63 14.78
N TYR A 250 10.99 -20.97 15.22
CA TYR A 250 10.20 -20.13 14.33
C TYR A 250 11.05 -19.00 13.75
N PHE A 251 11.79 -18.27 14.60
CA PHE A 251 12.63 -17.16 14.12
C PHE A 251 13.79 -17.64 13.24
N MET A 252 14.35 -18.81 13.51
CA MET A 252 15.32 -19.42 12.60
C MET A 252 14.68 -19.73 11.25
N LYS A 253 13.45 -20.23 11.26
CA LYS A 253 12.80 -20.57 10.02
C LYS A 253 12.64 -19.35 9.13
N TYR A 254 12.17 -18.24 9.70
CA TYR A 254 11.77 -17.07 8.91
C TYR A 254 12.81 -15.96 8.86
N LYS A 255 14.04 -16.23 9.30
N LYS A 255 14.04 -16.22 9.29
CA LYS A 255 15.07 -15.20 9.34
CA LYS A 255 15.07 -15.19 9.35
C LYS A 255 15.37 -14.63 7.96
C LYS A 255 15.39 -14.64 7.97
N ASP A 256 15.80 -13.37 7.94
CA ASP A 256 16.17 -12.68 6.72
C ASP A 256 17.68 -12.65 6.47
N VAL A 257 18.47 -13.36 7.25
CA VAL A 257 19.91 -13.43 7.05
C VAL A 257 20.28 -14.89 6.79
N SER A 258 21.51 -15.09 6.36
CA SER A 258 21.99 -16.43 6.08
C SER A 258 22.16 -17.24 7.36
N ASN A 259 22.22 -18.56 7.18
CA ASN A 259 22.57 -19.46 8.28
C ASN A 259 23.87 -19.06 8.95
N GLU A 260 24.87 -18.61 8.16
CA GLU A 260 26.14 -18.20 8.73
C GLU A 260 25.97 -16.97 9.60
N THR A 261 25.26 -15.95 9.10
CA THR A 261 25.12 -14.70 9.83
C THR A 261 24.28 -14.91 11.09
N MET A 262 23.23 -15.73 10.98
CA MET A 262 22.37 -15.99 12.12
C MET A 262 23.15 -16.60 13.27
N ASN A 263 24.22 -17.32 12.98
CA ASN A 263 25.04 -17.92 14.02
C ASN A 263 26.24 -17.04 14.37
N ASN A 264 26.30 -15.83 13.83
CA ASN A 264 27.34 -14.86 14.18
C ASN A 264 26.75 -13.45 14.25
N LEU A 265 25.60 -13.34 14.92
CA LEU A 265 24.91 -12.06 14.98
C LEU A 265 25.77 -11.06 15.75
N ILE A 266 25.78 -9.82 15.26
CA ILE A 266 26.52 -8.75 15.95
C ILE A 266 25.76 -8.36 17.21
N ASN A 267 26.38 -8.56 18.36
CA ASN A 267 25.78 -8.17 19.64
C ASN A 267 26.09 -6.68 19.86
N TYR A 268 25.08 -5.82 19.67
CA TYR A 268 25.35 -4.39 19.75
C TYR A 268 25.72 -3.96 21.17
N ASP A 269 25.25 -4.69 22.19
N ASP A 269 25.22 -4.68 22.19
CA ASP A 269 25.54 -4.29 23.57
CA ASP A 269 25.51 -4.34 23.57
C ASP A 269 27.01 -4.39 23.91
C ASP A 269 27.02 -4.30 23.82
N GLU A 270 27.77 -5.15 23.15
CA GLU A 270 29.21 -5.27 23.39
C GLU A 270 30.03 -4.23 22.64
N ILE A 271 29.44 -3.40 21.77
CA ILE A 271 30.21 -2.44 20.99
C ILE A 271 29.63 -1.05 21.07
N ASN A 272 28.52 -0.87 21.73
CA ASN A 272 27.84 0.42 21.72
C ASN A 272 28.54 1.42 22.60
N HIS A 273 29.58 1.01 23.34
CA HIS A 273 30.30 1.96 24.18
C HIS A 273 31.34 2.75 23.42
N SER A 274 31.51 2.47 22.12
CA SER A 274 32.65 2.98 21.37
C SER A 274 32.25 3.36 19.96
N LYS A 275 32.59 4.58 19.57
CA LYS A 275 32.29 5.00 18.20
C LYS A 275 33.00 4.10 17.20
N GLU A 276 34.25 3.73 17.50
CA GLU A 276 35.03 2.89 16.59
C GLU A 276 34.44 1.48 16.46
N LEU A 277 34.11 0.82 17.58
CA LEU A 277 33.62 -0.55 17.50
C LEU A 277 32.17 -0.63 17.04
N GLY A 278 31.33 0.33 17.46
CA GLY A 278 29.93 0.32 17.10
C GLY A 278 29.67 0.39 15.61
N LYS A 279 30.64 0.91 14.85
CA LYS A 279 30.55 0.91 13.40
C LYS A 279 30.42 -0.50 12.82
N GLN A 280 30.81 -1.52 13.59
CA GLN A 280 30.70 -2.89 13.06
C GLN A 280 29.25 -3.24 12.77
N ALA A 281 28.30 -2.47 13.32
CA ALA A 281 26.90 -2.79 13.14
C ALA A 281 26.34 -2.27 11.82
N TYR A 282 27.10 -1.51 11.02
CA TYR A 282 26.59 -1.02 9.75
C TYR A 282 26.57 -2.15 8.71
N MET A 283 25.49 -2.21 7.94
CA MET A 283 25.33 -3.29 6.98
C MET A 283 24.57 -2.80 5.77
N LYS A 284 25.09 -3.13 4.60
CA LYS A 284 24.44 -2.85 3.33
C LYS A 284 23.47 -3.95 2.96
N LEU A 285 22.43 -3.59 2.21
CA LEU A 285 21.50 -4.53 1.64
C LEU A 285 21.58 -4.45 0.12
N ASP A 286 21.99 -5.55 -0.53
CA ASP A 286 22.05 -5.61 -1.98
C ASP A 286 20.78 -5.05 -2.61
N LYS A 287 19.66 -5.71 -2.36
N LYS A 287 19.65 -5.72 -2.37
CA LYS A 287 18.36 -5.32 -2.89
CA LYS A 287 18.37 -5.31 -2.89
C LYS A 287 17.29 -5.70 -1.88
C LYS A 287 17.28 -5.70 -1.89
N ILE A 288 16.23 -4.87 -1.84
CA ILE A 288 15.17 -5.06 -0.84
C ILE A 288 14.48 -6.41 -1.02
N GLU A 289 14.39 -6.89 -2.26
CA GLU A 289 13.79 -8.20 -2.52
C GLU A 289 14.48 -9.32 -1.74
N ASP A 290 15.74 -9.12 -1.32
CA ASP A 290 16.41 -10.11 -0.47
C ASP A 290 15.61 -10.41 0.80
N LEU A 291 14.79 -9.46 1.25
CA LEU A 291 14.03 -9.62 2.49
C LEU A 291 12.67 -10.25 2.28
N GLN A 292 12.29 -10.56 1.05
CA GLN A 292 10.88 -10.85 0.78
C GLN A 292 10.40 -12.03 1.61
N ASP A 293 9.28 -11.82 2.32
CA ASP A 293 8.60 -12.88 3.07
C ASP A 293 9.43 -13.42 4.24
N LYS A 294 10.48 -12.73 4.65
CA LYS A 294 11.24 -13.11 5.83
C LYS A 294 11.01 -12.09 6.93
N ILE A 295 11.39 -12.44 8.15
CA ILE A 295 11.31 -11.48 9.26
C ILE A 295 12.65 -10.77 9.37
N THR A 296 12.59 -9.43 9.43
CA THR A 296 13.78 -8.60 9.52
C THR A 296 14.03 -8.11 10.93
N ILE A 297 12.97 -7.80 11.67
CA ILE A 297 13.11 -7.34 13.04
C ILE A 297 12.08 -8.03 13.91
N HIS A 298 12.51 -8.55 15.05
CA HIS A 298 11.57 -9.21 15.95
C HIS A 298 12.08 -9.18 17.39
N GLN A 299 11.13 -9.34 18.31
CA GLN A 299 11.46 -9.55 19.72
C GLN A 299 12.01 -10.96 19.90
N CYS A 300 12.92 -11.10 20.87
CA CYS A 300 13.51 -12.36 21.26
C CYS A 300 13.14 -12.62 22.71
N PHE A 301 12.81 -13.87 23.01
CA PHE A 301 12.32 -14.25 24.34
C PHE A 301 13.21 -15.32 24.98
N ASN A 302 13.68 -15.06 26.18
CA ASN A 302 14.28 -16.10 26.98
C ASN A 302 13.19 -16.77 27.82
N VAL A 303 13.59 -17.74 28.64
CA VAL A 303 12.58 -18.55 29.32
C VAL A 303 11.80 -17.72 30.30
N GLU A 304 12.48 -16.81 31.00
CA GLU A 304 11.82 -15.90 31.93
C GLU A 304 10.83 -15.00 31.20
N ASP A 305 11.20 -14.50 30.01
CA ASP A 305 10.25 -13.70 29.22
C ASP A 305 9.03 -14.53 28.84
N VAL A 306 9.27 -15.74 28.32
CA VAL A 306 8.20 -16.62 27.88
C VAL A 306 7.23 -16.87 29.03
N LYS A 307 7.75 -17.14 30.22
N LYS A 307 7.76 -17.17 30.21
CA LYS A 307 6.88 -17.38 31.37
CA LYS A 307 6.92 -17.37 31.39
C LYS A 307 6.02 -16.15 31.69
C LYS A 307 6.02 -16.16 31.61
N HIS A 308 6.58 -14.95 31.52
CA HIS A 308 5.81 -13.73 31.80
C HIS A 308 4.72 -13.47 30.72
N TYR A 309 5.12 -13.47 29.46
CA TYR A 309 4.24 -12.99 28.40
C TYR A 309 3.27 -14.06 27.89
N PHE A 310 3.72 -15.30 27.71
CA PHE A 310 2.89 -16.32 27.05
C PHE A 310 2.17 -17.17 28.08
N THR A 311 1.35 -16.47 28.85
CA THR A 311 0.63 -17.00 30.00
C THR A 311 -0.87 -16.81 29.81
N ASN A 312 -1.62 -17.04 30.87
CA ASN A 312 -3.07 -16.87 30.87
C ASN A 312 -3.46 -16.10 32.12
N ILE A 313 -4.00 -14.90 31.90
CA ILE A 313 -4.50 -14.01 32.95
C ILE A 313 -5.87 -13.54 32.48
N ASP A 314 -6.90 -13.80 33.30
CA ASP A 314 -8.28 -13.46 32.97
C ASP A 314 -8.39 -12.02 32.48
N LYS A 315 -9.01 -11.87 31.32
CA LYS A 315 -9.29 -10.58 30.70
C LYS A 315 -8.02 -9.81 30.36
N VAL A 316 -6.88 -10.49 30.21
CA VAL A 316 -5.63 -9.79 29.88
C VAL A 316 -4.91 -10.51 28.74
N ILE A 317 -4.55 -11.79 28.94
CA ILE A 317 -3.74 -12.52 27.97
C ILE A 317 -4.19 -13.97 27.95
N VAL A 318 -4.25 -14.52 26.74
CA VAL A 318 -4.61 -15.92 26.50
C VAL A 318 -3.52 -16.54 25.63
N THR A 319 -3.01 -17.71 26.05
CA THR A 319 -2.00 -18.48 25.32
C THR A 319 -2.40 -19.95 25.34
N TYR A 320 -2.50 -20.58 24.17
CA TYR A 320 -2.76 -22.01 24.08
C TYR A 320 -1.65 -22.68 23.29
N VAL A 321 -1.41 -23.95 23.59
CA VAL A 321 -0.37 -24.73 22.96
C VAL A 321 -0.93 -26.08 22.55
N ARG A 322 -0.39 -26.62 21.46
CA ARG A 322 -0.68 -27.95 21.00
C ARG A 322 0.52 -28.84 21.31
N GLU A 323 0.27 -30.07 21.74
CA GLU A 323 1.32 -31.06 22.00
C GLU A 323 1.20 -32.27 21.08
N ASN A 324 2.35 -32.87 20.76
CA ASN A 324 2.40 -34.18 20.13
C ASN A 324 2.44 -35.27 21.20
N LYS A 325 2.29 -36.52 20.77
CA LYS A 325 2.19 -37.64 21.71
C LYS A 325 3.46 -37.77 22.56
N ASN A 326 4.61 -37.34 22.05
CA ASN A 326 5.82 -37.27 22.85
C ASN A 326 5.90 -36.00 23.71
N LYS A 327 4.77 -35.31 23.88
CA LYS A 327 4.68 -34.12 24.72
C LYS A 327 5.70 -33.05 24.31
N GLU A 328 6.08 -33.03 23.04
CA GLU A 328 6.66 -31.82 22.49
C GLU A 328 5.54 -30.82 22.23
N ILE A 329 5.80 -29.56 22.49
CA ILE A 329 4.87 -28.51 22.08
C ILE A 329 5.21 -28.17 20.65
N THR A 330 4.20 -28.23 19.79
CA THR A 330 4.40 -28.05 18.36
C THR A 330 3.76 -26.79 17.79
N ASP A 331 2.81 -26.18 18.51
CA ASP A 331 2.07 -25.02 18.03
C ASP A 331 1.71 -24.12 19.21
N LEU A 332 1.44 -22.86 18.90
CA LEU A 332 1.05 -21.87 19.89
C LEU A 332 0.20 -20.77 19.26
N PHE A 333 -0.86 -20.37 19.96
CA PHE A 333 -1.55 -19.13 19.64
C PHE A 333 -1.71 -18.31 20.90
N SER A 334 -1.74 -17.00 20.73
CA SER A 334 -1.86 -16.12 21.87
C SER A 334 -2.49 -14.81 21.44
N PHE A 335 -3.23 -14.20 22.37
CA PHE A 335 -3.81 -12.90 22.11
C PHE A 335 -4.04 -12.21 23.45
N PHE A 336 -3.90 -10.88 23.44
CA PHE A 336 -4.22 -10.09 24.62
C PHE A 336 -5.54 -9.37 24.35
N ILE A 337 -6.09 -8.83 25.43
CA ILE A 337 -7.47 -8.35 25.50
C ILE A 337 -7.45 -6.96 26.11
N ILE A 338 -8.13 -6.01 25.45
CA ILE A 338 -8.25 -4.65 25.96
C ILE A 338 -9.70 -4.22 25.83
N GLU A 339 -10.24 -3.67 26.92
CA GLU A 339 -11.55 -3.05 26.90
C GLU A 339 -11.41 -1.62 26.41
N SER A 340 -12.40 -1.16 25.66
CA SER A 340 -12.43 0.22 25.21
C SER A 340 -13.76 0.85 25.60
N THR A 341 -13.70 2.12 25.98
CA THR A 341 -14.88 2.91 26.25
C THR A 341 -15.58 3.30 24.95
N VAL A 342 -16.90 3.13 24.91
CA VAL A 342 -17.71 3.63 23.82
C VAL A 342 -18.21 5.00 24.29
N ILE A 343 -17.53 6.05 23.80
CA ILE A 343 -17.73 7.37 24.38
C ILE A 343 -19.18 7.83 24.25
N ASN A 344 -19.77 8.25 25.37
CA ASN A 344 -21.13 8.78 25.44
C ASN A 344 -22.16 7.80 24.89
N ASN A 345 -21.90 6.51 24.98
CA ASN A 345 -22.91 5.52 24.65
C ASN A 345 -23.49 4.93 25.92
N GLU A 346 -24.78 5.18 26.15
CA GLU A 346 -25.44 4.61 27.33
C GLU A 346 -25.71 3.12 27.14
N ARG A 347 -26.18 2.71 25.95
CA ARG A 347 -26.55 1.32 25.69
C ARG A 347 -25.40 0.36 25.92
N PHE A 348 -24.27 0.58 25.26
CA PHE A 348 -23.09 -0.29 25.38
C PHE A 348 -21.89 0.58 25.70
N PRO A 349 -21.61 0.79 26.98
CA PRO A 349 -20.55 1.76 27.34
C PRO A 349 -19.14 1.26 27.09
N THR A 350 -18.94 -0.05 26.91
CA THR A 350 -17.62 -0.60 26.65
C THR A 350 -17.72 -1.75 25.66
N ILE A 351 -16.62 -1.97 24.96
CA ILE A 351 -16.44 -3.14 24.12
C ILE A 351 -15.13 -3.83 24.52
N ASN A 352 -15.04 -5.09 24.15
CA ASN A 352 -13.92 -5.93 24.51
C ASN A 352 -13.30 -6.45 23.24
N ILE A 353 -12.03 -6.09 23.00
CA ILE A 353 -11.35 -6.46 21.78
C ILE A 353 -10.17 -7.35 22.12
N ALA A 354 -10.02 -8.44 21.37
CA ALA A 354 -8.86 -9.31 21.44
C ALA A 354 -7.87 -8.91 20.35
N TYR A 355 -6.57 -9.00 20.66
CA TYR A 355 -5.50 -8.59 19.75
C TYR A 355 -4.50 -9.74 19.58
N SER A 356 -4.36 -10.22 18.35
CA SER A 356 -3.38 -11.25 18.04
C SER A 356 -2.00 -10.87 18.55
N TYR A 357 -1.31 -11.82 19.18
CA TYR A 357 -0.03 -11.51 19.80
C TYR A 357 1.04 -12.23 18.95
N PHE A 358 1.53 -13.39 19.37
CA PHE A 358 2.41 -14.23 18.55
C PHE A 358 1.81 -15.61 18.36
N ASN A 359 1.96 -16.14 17.14
CA ASN A 359 1.32 -17.38 16.74
C ASN A 359 2.27 -18.22 15.90
N ILE A 360 2.30 -19.52 16.21
CA ILE A 360 3.19 -20.43 15.53
C ILE A 360 2.43 -21.68 15.16
N ALA A 361 2.28 -21.90 13.86
CA ALA A 361 1.56 -23.04 13.32
C ALA A 361 2.56 -23.96 12.64
N ASN A 362 2.77 -25.15 13.23
CA ASN A 362 3.59 -26.18 12.60
C ASN A 362 2.84 -27.43 12.19
N THR A 363 1.80 -27.83 12.92
CA THR A 363 1.10 -29.07 12.62
C THR A 363 -0.29 -28.82 12.09
N CYS A 364 -0.64 -27.57 11.81
CA CYS A 364 -1.90 -27.22 11.18
C CYS A 364 -1.63 -25.98 10.33
N SER A 365 -2.62 -25.59 9.53
CA SER A 365 -2.42 -24.37 8.75
C SER A 365 -2.61 -23.17 9.65
N LEU A 366 -2.08 -22.03 9.21
CA LEU A 366 -2.24 -20.81 10.00
C LEU A 366 -3.72 -20.40 10.08
N LYS A 367 -4.49 -20.55 9.00
CA LYS A 367 -5.94 -20.33 9.15
C LYS A 367 -6.55 -21.26 10.21
N GLU A 368 -6.14 -22.52 10.24
CA GLU A 368 -6.74 -23.42 11.22
C GLU A 368 -6.40 -22.98 12.63
N LEU A 369 -5.15 -22.58 12.85
CA LEU A 369 -4.74 -22.06 14.15
C LEU A 369 -5.55 -20.83 14.53
N PHE A 370 -5.68 -19.88 13.60
CA PHE A 370 -6.43 -18.67 13.89
C PHE A 370 -7.90 -18.99 14.11
N ASN A 371 -8.44 -20.02 13.44
CA ASN A 371 -9.82 -20.40 13.72
C ASN A 371 -10.00 -20.89 15.18
N GLU A 372 -9.08 -21.73 15.69
CA GLU A 372 -9.20 -22.14 17.09
C GLU A 372 -9.07 -20.93 18.02
N MET A 373 -8.20 -20.00 17.65
CA MET A 373 -7.98 -18.81 18.48
C MET A 373 -9.21 -17.91 18.47
N LEU A 374 -9.83 -17.72 17.29
CA LEU A 374 -11.05 -16.95 17.21
C LEU A 374 -12.12 -17.53 18.12
N ILE A 375 -12.31 -18.83 18.07
CA ILE A 375 -13.33 -19.46 18.91
C ILE A 375 -12.99 -19.23 20.38
N THR A 376 -11.71 -19.29 20.70
CA THR A 376 -11.31 -19.08 22.07
C THR A 376 -11.55 -17.63 22.48
N ALA A 377 -11.25 -16.68 21.59
CA ALA A 377 -11.55 -15.28 21.89
C ALA A 377 -13.03 -15.07 22.13
N LYS A 378 -13.86 -15.68 21.28
CA LYS A 378 -15.31 -15.63 21.49
C LYS A 378 -15.67 -16.16 22.86
N ASN A 379 -15.05 -17.28 23.26
CA ASN A 379 -15.34 -17.87 24.56
C ASN A 379 -14.80 -17.03 25.70
N ASN A 380 -13.89 -16.10 25.44
CA ASN A 380 -13.46 -15.15 26.46
C ASN A 380 -14.24 -13.83 26.40
N ASN A 381 -15.45 -13.85 25.84
N ASN A 381 -15.45 -13.84 25.87
CA ASN A 381 -16.35 -12.70 25.88
CA ASN A 381 -16.35 -12.68 25.91
C ASN A 381 -15.78 -11.49 25.14
C ASN A 381 -15.79 -11.48 25.13
N CYS A 382 -15.00 -11.74 24.08
CA CYS A 382 -14.52 -10.68 23.22
C CYS A 382 -15.54 -10.37 22.12
N ASP A 383 -15.68 -9.10 21.77
CA ASP A 383 -16.65 -8.70 20.76
C ASP A 383 -16.09 -8.72 19.34
N ALA A 384 -14.76 -8.61 19.22
CA ALA A 384 -14.06 -8.72 17.95
C ALA A 384 -12.64 -9.21 18.21
N PHE A 385 -12.05 -9.78 17.18
CA PHE A 385 -10.66 -10.26 17.22
C PHE A 385 -9.84 -9.48 16.19
N ASN A 386 -8.81 -8.79 16.65
CA ASN A 386 -7.97 -7.95 15.80
C ASN A 386 -6.69 -8.67 15.43
N THR A 387 -6.24 -8.49 14.19
N THR A 387 -6.26 -8.50 14.19
CA THR A 387 -4.92 -8.98 13.79
CA THR A 387 -4.98 -8.99 13.70
C THR A 387 -4.29 -8.01 12.80
C THR A 387 -4.33 -7.89 12.86
N LEU A 388 -3.00 -7.75 12.99
CA LEU A 388 -2.25 -6.89 12.10
C LEU A 388 -1.81 -7.73 10.91
N ASP A 389 -1.42 -7.06 9.84
CA ASP A 389 -0.84 -7.76 8.71
C ASP A 389 0.67 -7.97 8.90
N LEU A 390 1.11 -8.13 10.14
CA LEU A 390 2.52 -8.43 10.38
C LEU A 390 2.82 -9.93 10.26
N MET A 391 4.11 -10.27 10.24
CA MET A 391 4.57 -11.65 10.18
C MET A 391 3.84 -12.32 9.01
N GLN A 392 3.26 -13.51 9.18
CA GLN A 392 2.58 -14.21 8.12
C GLN A 392 1.07 -14.06 8.19
N ASN A 393 0.58 -13.04 8.90
CA ASN A 393 -0.85 -12.93 9.15
C ASN A 393 -1.65 -12.68 7.88
N LEU A 394 -1.03 -12.22 6.78
CA LEU A 394 -1.78 -12.09 5.53
C LEU A 394 -2.33 -13.43 5.06
N GLN A 395 -1.69 -14.55 5.44
CA GLN A 395 -2.24 -15.85 5.05
C GLN A 395 -3.64 -16.09 5.65
N VAL A 396 -3.93 -15.48 6.79
N VAL A 396 -3.97 -15.46 6.77
CA VAL A 396 -5.23 -15.63 7.44
CA VAL A 396 -5.29 -15.66 7.38
C VAL A 396 -6.21 -14.56 6.98
C VAL A 396 -6.25 -14.55 6.98
N ILE A 397 -5.71 -13.37 6.67
CA ILE A 397 -6.57 -12.26 6.27
C ILE A 397 -7.10 -12.48 4.86
N GLN A 398 -6.29 -13.08 3.99
CA GLN A 398 -6.64 -13.22 2.59
C GLN A 398 -7.81 -14.17 2.40
N ASP A 399 -8.77 -13.77 1.56
CA ASP A 399 -9.89 -14.62 1.26
C ASP A 399 -10.54 -15.15 2.54
N SER A 400 -10.94 -14.22 3.40
CA SER A 400 -11.49 -14.54 4.70
C SER A 400 -12.58 -13.55 5.04
N LYS A 401 -13.18 -13.74 6.22
CA LYS A 401 -14.20 -12.82 6.69
C LYS A 401 -13.62 -11.64 7.43
N PHE A 402 -12.29 -11.55 7.57
CA PHE A 402 -11.70 -10.38 8.23
C PHE A 402 -12.08 -9.14 7.42
N ILE A 403 -12.30 -8.03 8.09
CA ILE A 403 -12.63 -6.78 7.43
C ILE A 403 -11.66 -5.73 7.94
N ILE A 404 -11.38 -4.72 7.10
CA ILE A 404 -10.29 -3.81 7.43
C ILE A 404 -10.68 -2.87 8.55
N GLY A 405 -9.74 -2.60 9.44
CA GLY A 405 -9.96 -1.65 10.51
C GLY A 405 -9.64 -0.22 10.08
N THR A 406 -10.20 0.73 10.83
CA THR A 406 -9.92 2.13 10.61
C THR A 406 -8.64 2.48 11.37
N GLY A 407 -7.75 3.22 10.73
CA GLY A 407 -6.49 3.62 11.32
C GLY A 407 -5.33 2.79 10.80
N ARG A 408 -4.13 3.32 11.02
CA ARG A 408 -2.90 2.66 10.62
C ARG A 408 -1.89 2.83 11.75
N LEU A 409 -1.15 1.75 12.02
CA LEU A 409 -0.07 1.73 12.99
C LEU A 409 1.24 1.98 12.26
N ARG A 410 1.89 3.10 12.58
CA ARG A 410 3.22 3.42 12.09
C ARG A 410 4.28 2.89 13.05
N TYR A 411 5.21 2.11 12.52
CA TYR A 411 6.30 1.52 13.31
C TYR A 411 7.54 2.39 13.18
N TYR A 412 8.19 2.68 14.31
CA TYR A 412 9.34 3.57 14.36
C TYR A 412 10.46 2.94 15.16
N VAL A 413 11.68 3.24 14.76
CA VAL A 413 12.85 2.92 15.56
C VAL A 413 13.65 4.19 15.84
N PHE A 414 13.94 4.42 17.12
CA PHE A 414 14.80 5.51 17.54
C PHE A 414 16.27 5.10 17.46
N ASN A 415 17.04 5.85 16.68
CA ASN A 415 18.49 5.77 16.59
C ASN A 415 18.96 4.45 15.96
N TRP A 416 18.19 3.97 15.00
CA TRP A 416 18.64 2.89 14.14
C TRP A 416 18.05 3.13 12.77
N LYS A 417 18.73 2.59 11.76
CA LYS A 417 18.32 2.68 10.37
C LYS A 417 17.75 1.34 9.99
N ILE A 418 16.50 1.35 9.54
CA ILE A 418 15.84 0.18 8.95
C ILE A 418 15.28 0.68 7.64
N PRO A 419 15.51 0.00 6.53
CA PRO A 419 14.85 0.40 5.29
C PRO A 419 13.35 0.24 5.41
N GLN A 420 12.63 1.00 4.62
CA GLN A 420 11.20 0.79 4.58
C GLN A 420 10.91 -0.62 4.12
N ILE A 421 10.21 -1.37 4.96
CA ILE A 421 9.98 -2.78 4.74
C ILE A 421 8.48 -3.09 4.89
N SER A 422 8.13 -4.28 4.49
CA SER A 422 6.76 -4.74 4.53
C SER A 422 6.40 -5.15 5.95
N PRO A 423 5.14 -4.98 6.35
CA PRO A 423 4.79 -5.43 7.72
C PRO A 423 5.04 -6.91 7.90
N SER A 424 4.99 -7.71 6.81
CA SER A 424 5.32 -9.14 6.90
C SER A 424 6.76 -9.35 7.35
N ASN A 425 7.62 -8.35 7.23
CA ASN A 425 9.00 -8.46 7.72
C ASN A 425 9.17 -8.07 9.18
N VAL A 426 8.09 -7.84 9.92
CA VAL A 426 8.16 -7.28 11.27
C VAL A 426 7.46 -8.21 12.25
N GLY A 427 8.18 -8.53 13.34
CA GLY A 427 7.66 -9.37 14.41
C GLY A 427 7.74 -8.69 15.75
N ILE A 428 7.14 -7.51 15.80
CA ILE A 428 7.06 -6.67 16.98
C ILE A 428 5.59 -6.37 17.20
N ILE A 429 5.04 -6.81 18.32
CA ILE A 429 3.64 -6.55 18.71
C ILE A 429 3.70 -5.76 20.03
N LEU A 430 3.10 -4.57 20.05
CA LEU A 430 3.13 -3.66 21.19
C LEU A 430 1.75 -3.60 21.84
N PHE A 431 1.73 -3.26 23.14
CA PHE A 431 0.50 -3.36 23.91
C PHE A 431 -0.34 -2.10 23.95
N PRO B 6 -30.02 4.99 -19.36
CA PRO B 6 -29.29 5.63 -18.26
C PRO B 6 -29.00 4.68 -17.09
N HIS B 7 -28.18 5.16 -16.16
CA HIS B 7 -27.46 4.27 -15.26
C HIS B 7 -28.30 3.82 -14.08
N LYS B 8 -27.95 2.67 -13.55
CA LYS B 8 -28.38 2.22 -12.25
C LYS B 8 -27.20 1.89 -11.34
N PHE B 9 -26.00 1.79 -11.89
CA PHE B 9 -24.79 1.68 -11.10
C PHE B 9 -24.06 3.01 -11.04
N TRP B 10 -23.72 3.58 -12.21
CA TRP B 10 -22.82 4.73 -12.23
C TRP B 10 -23.45 5.97 -11.62
N ASN B 11 -24.78 6.04 -11.55
CA ASN B 11 -25.43 7.19 -10.95
C ASN B 11 -25.24 7.24 -9.45
N THR B 12 -24.80 6.16 -8.82
CA THR B 12 -24.59 6.11 -7.38
C THR B 12 -23.14 6.32 -6.96
N GLN B 13 -22.24 6.56 -7.90
CA GLN B 13 -20.80 6.57 -7.68
C GLN B 13 -20.25 7.99 -7.62
N PRO B 14 -19.18 8.23 -6.83
CA PRO B 14 -18.60 9.59 -6.74
C PRO B 14 -17.78 9.93 -7.97
N VAL B 15 -18.47 10.12 -9.12
CA VAL B 15 -17.88 10.60 -10.35
C VAL B 15 -18.78 11.70 -10.93
N VAL B 16 -18.21 12.55 -11.79
CA VAL B 16 -19.00 13.61 -12.41
C VAL B 16 -19.94 12.98 -13.44
N GLN B 17 -21.24 13.23 -13.29
CA GLN B 17 -22.26 12.68 -14.19
C GLN B 17 -22.40 13.53 -15.44
N ASN B 18 -22.88 12.91 -16.53
CA ASN B 18 -23.03 13.64 -17.79
C ASN B 18 -23.99 14.83 -17.66
N ASP B 19 -25.01 14.73 -16.80
CA ASP B 19 -25.97 15.81 -16.61
C ASP B 19 -25.49 16.86 -15.61
N ASP B 20 -24.20 16.88 -15.32
CA ASP B 20 -23.60 17.77 -14.32
C ASP B 20 -23.49 19.17 -14.92
N SER B 21 -24.08 20.16 -14.24
CA SER B 21 -23.99 21.55 -14.67
C SER B 21 -22.74 22.23 -14.08
N SER B 22 -22.65 22.29 -12.75
CA SER B 22 -21.50 22.86 -12.05
C SER B 22 -21.32 24.34 -12.37
N SER B 23 -20.99 25.12 -11.35
CA SER B 23 -20.88 26.57 -11.51
C SER B 23 -19.50 26.96 -12.02
N GLU B 24 -18.46 26.57 -11.29
CA GLU B 24 -17.09 27.00 -11.55
C GLU B 24 -16.23 25.83 -11.99
N TYR B 25 -15.03 26.17 -12.44
CA TYR B 25 -13.98 25.18 -12.65
C TYR B 25 -13.28 24.94 -11.31
N SER B 26 -13.16 23.69 -10.92
CA SER B 26 -12.50 23.42 -9.65
C SER B 26 -11.95 22.01 -9.64
N PHE B 27 -11.11 21.76 -8.64
CA PHE B 27 -10.45 20.48 -8.43
C PHE B 27 -10.66 20.02 -7.00
N GLY B 28 -10.49 18.72 -6.78
CA GLY B 28 -10.57 18.18 -5.44
C GLY B 28 -11.32 16.87 -5.38
N PRO B 29 -11.31 16.25 -4.19
CA PRO B 29 -12.11 15.03 -4.01
C PRO B 29 -13.59 15.33 -4.10
N ILE B 30 -14.34 14.37 -4.67
CA ILE B 30 -15.78 14.50 -4.70
C ILE B 30 -16.37 14.18 -3.32
N GLU B 31 -15.85 13.16 -2.66
CA GLU B 31 -16.21 12.83 -1.29
C GLU B 31 -14.95 12.46 -0.52
N ILE B 32 -15.01 12.65 0.78
CA ILE B 32 -13.95 12.28 1.70
C ILE B 32 -14.58 11.34 2.73
N GLU B 33 -14.42 10.05 2.52
CA GLU B 33 -15.17 9.01 3.26
C GLU B 33 -14.18 7.91 3.59
N PRO B 34 -13.26 8.18 4.50
CA PRO B 34 -12.19 7.21 4.79
C PRO B 34 -12.63 5.97 5.56
N ASP B 35 -13.83 5.94 6.17
CA ASP B 35 -14.20 4.79 6.97
C ASP B 35 -15.62 4.30 6.73
N SER B 36 -16.35 4.90 5.81
CA SER B 36 -17.76 4.54 5.60
C SER B 36 -17.97 3.58 4.44
N PHE B 37 -16.92 3.23 3.69
CA PHE B 37 -17.07 2.32 2.56
C PHE B 37 -17.39 0.88 2.99
N ARG B 38 -18.08 0.17 2.10
CA ARG B 38 -18.39 -1.21 2.38
C ARG B 38 -17.11 -2.03 2.50
N LYS B 39 -16.98 -2.76 3.60
CA LYS B 39 -15.79 -3.57 3.83
C LYS B 39 -15.97 -5.05 3.50
N GLU B 40 -17.22 -5.51 3.40
CA GLU B 40 -17.52 -6.91 3.12
C GLU B 40 -17.37 -7.28 1.65
N ILE B 41 -16.79 -8.46 1.40
CA ILE B 41 -16.63 -8.98 0.04
C ILE B 41 -18.00 -9.02 -0.64
N TYR B 42 -18.04 -8.62 -1.91
CA TYR B 42 -19.27 -8.66 -2.69
C TYR B 42 -19.60 -10.08 -3.13
N LYS B 43 -20.90 -10.42 -3.09
CA LYS B 43 -21.32 -11.76 -3.50
C LYS B 43 -21.27 -11.94 -5.01
N LEU B 44 -20.76 -13.05 -5.41
CA LEU B 44 -20.80 -13.52 -6.79
C LEU B 44 -21.96 -14.48 -6.97
N PRO B 45 -22.40 -14.73 -8.21
CA PRO B 45 -23.39 -15.78 -8.40
C PRO B 45 -22.96 -17.05 -7.70
N ASP B 46 -23.93 -17.81 -7.21
CA ASP B 46 -23.63 -19.10 -6.59
C ASP B 46 -22.86 -19.97 -7.57
N GLY B 47 -21.81 -20.64 -7.05
CA GLY B 47 -20.95 -21.48 -7.86
C GLY B 47 -19.72 -20.80 -8.44
N PHE B 48 -19.52 -19.50 -8.16
CA PHE B 48 -18.39 -18.70 -8.63
C PHE B 48 -17.57 -18.21 -7.43
N SER B 49 -16.28 -17.97 -7.64
N SER B 49 -16.28 -17.97 -7.64
CA SER B 49 -15.46 -17.51 -6.52
CA SER B 49 -15.43 -17.53 -6.54
C SER B 49 -14.39 -16.54 -7.02
C SER B 49 -14.41 -16.53 -7.03
N TRP B 50 -14.03 -15.62 -6.13
CA TRP B 50 -12.94 -14.71 -6.37
C TRP B 50 -11.61 -15.43 -6.16
N PHE B 51 -10.57 -14.98 -6.84
CA PHE B 51 -9.24 -15.48 -6.53
C PHE B 51 -8.24 -14.39 -6.88
N ASP B 52 -7.17 -14.34 -6.10
CA ASP B 52 -6.05 -13.47 -6.40
C ASP B 52 -5.29 -14.07 -7.57
N CYS B 53 -5.26 -13.40 -8.70
CA CYS B 53 -4.74 -14.03 -9.90
C CYS B 53 -3.22 -14.05 -9.83
N ASN B 54 -2.66 -15.24 -9.88
CA ASN B 54 -1.22 -15.40 -9.73
C ASN B 54 -0.51 -15.09 -11.04
N LEU B 55 -0.28 -13.81 -11.29
CA LEU B 55 0.54 -13.41 -12.43
C LEU B 55 2.02 -13.30 -12.06
N TRP B 56 2.41 -13.78 -10.87
CA TRP B 56 3.78 -13.63 -10.37
C TRP B 56 4.72 -14.69 -10.91
N ASP B 57 4.19 -15.76 -11.47
CA ASP B 57 4.93 -16.77 -12.21
C ASP B 57 4.27 -16.83 -13.59
N ILE B 58 5.01 -16.42 -14.62
CA ILE B 58 4.44 -16.35 -15.95
C ILE B 58 4.08 -17.71 -16.52
N GLU B 59 4.57 -18.80 -15.92
CA GLU B 59 4.23 -20.14 -16.34
C GLU B 59 3.05 -20.73 -15.59
N SER B 60 2.41 -19.94 -14.71
CA SER B 60 1.34 -20.48 -13.87
C SER B 60 0.06 -20.74 -14.66
N GLN B 61 -0.85 -21.46 -14.00
CA GLN B 61 -2.17 -21.72 -14.60
C GLN B 61 -3.02 -20.46 -14.63
N ASP B 62 -3.01 -19.68 -13.55
CA ASP B 62 -3.73 -18.41 -13.55
C ASP B 62 -3.33 -17.56 -14.76
N PHE B 63 -2.05 -17.57 -15.10
CA PHE B 63 -1.61 -16.70 -16.19
C PHE B 63 -2.11 -17.24 -17.52
N GLU B 64 -2.09 -18.58 -17.70
CA GLU B 64 -2.68 -19.17 -18.88
C GLU B 64 -4.16 -18.84 -18.95
N ASP B 65 -4.87 -19.02 -17.84
CA ASP B 65 -6.31 -18.75 -17.86
C ASP B 65 -6.59 -17.28 -18.17
N THR B 66 -5.82 -16.36 -17.59
CA THR B 66 -6.03 -14.93 -17.87
C THR B 66 -5.69 -14.61 -19.32
N TYR B 67 -4.61 -15.17 -19.82
CA TYR B 67 -4.23 -14.96 -21.21
C TYR B 67 -5.34 -15.39 -22.15
N GLN B 68 -5.93 -16.55 -21.88
CA GLN B 68 -6.97 -17.09 -22.78
C GLN B 68 -8.25 -16.28 -22.69
N LEU B 69 -8.67 -15.97 -21.45
CA LEU B 69 -9.87 -15.16 -21.25
C LEU B 69 -9.79 -13.87 -22.06
N LEU B 70 -8.70 -13.12 -21.89
CA LEU B 70 -8.53 -11.86 -22.62
C LEU B 70 -8.44 -12.09 -24.12
N LYS B 71 -7.70 -13.13 -24.53
CA LYS B 71 -7.59 -13.44 -25.96
C LYS B 71 -8.95 -13.59 -26.62
N ASP B 72 -9.90 -14.22 -25.93
CA ASP B 72 -11.16 -14.60 -26.52
C ASP B 72 -12.30 -13.67 -26.13
N HIS B 73 -12.11 -12.81 -25.12
CA HIS B 73 -13.24 -12.05 -24.61
C HIS B 73 -12.92 -10.61 -24.27
N TYR B 74 -11.72 -10.10 -24.53
CA TYR B 74 -11.44 -8.72 -24.19
C TYR B 74 -11.87 -7.79 -25.33
N VAL B 75 -11.34 -6.57 -25.36
CA VAL B 75 -11.93 -5.52 -26.19
C VAL B 75 -11.84 -5.85 -27.67
N GLU B 76 -12.92 -5.60 -28.38
CA GLU B 76 -12.98 -5.68 -29.83
C GLU B 76 -13.15 -4.28 -30.39
N ASP B 77 -12.78 -4.11 -31.65
CA ASP B 77 -12.86 -2.79 -32.24
C ASP B 77 -14.29 -2.50 -32.65
N ASP B 78 -14.48 -1.35 -33.29
CA ASP B 78 -15.82 -0.81 -33.48
C ASP B 78 -16.74 -1.77 -34.26
N ASP B 79 -16.21 -2.51 -35.24
N ASP B 79 -16.17 -2.50 -35.23
CA ASP B 79 -17.04 -3.38 -36.09
CA ASP B 79 -16.94 -3.36 -36.13
C ASP B 79 -16.70 -4.87 -35.92
C ASP B 79 -16.64 -4.85 -35.96
N SER B 80 -16.05 -5.23 -34.83
CA SER B 80 -15.75 -6.62 -34.49
C SER B 80 -14.88 -7.35 -35.51
N GLN B 81 -13.90 -6.61 -36.06
N GLN B 81 -13.86 -6.65 -36.03
CA GLN B 81 -12.86 -7.14 -36.94
CA GLN B 81 -12.89 -7.30 -36.89
C GLN B 81 -11.60 -7.58 -36.18
C GLN B 81 -11.55 -7.55 -36.21
N PHE B 82 -11.28 -6.91 -35.08
CA PHE B 82 -10.05 -7.12 -34.34
C PHE B 82 -10.36 -7.23 -32.87
N ARG B 83 -9.53 -8.03 -32.16
CA ARG B 83 -9.59 -8.15 -30.71
C ARG B 83 -8.18 -8.16 -30.14
N PHE B 84 -7.95 -7.44 -29.03
CA PHE B 84 -6.62 -7.41 -28.45
C PHE B 84 -6.14 -8.82 -28.11
N ASN B 85 -4.86 -9.09 -28.36
CA ASN B 85 -4.24 -10.36 -28.01
C ASN B 85 -2.97 -10.11 -27.20
N TYR B 86 -3.15 -9.52 -26.03
CA TYR B 86 -2.05 -9.22 -25.13
C TYR B 86 -1.25 -10.47 -24.84
N SER B 87 0.09 -10.36 -24.92
CA SER B 87 0.93 -11.50 -24.58
C SER B 87 1.16 -11.56 -23.07
N LYS B 88 1.62 -12.73 -22.61
CA LYS B 88 1.91 -12.89 -21.18
C LYS B 88 3.02 -11.94 -20.74
N GLU B 89 4.03 -11.78 -21.58
CA GLU B 89 5.14 -10.90 -21.24
C GLU B 89 4.68 -9.45 -21.17
N PHE B 90 3.74 -9.05 -22.04
CA PHE B 90 3.19 -7.71 -21.90
C PHE B 90 2.43 -7.56 -20.59
N LEU B 91 1.50 -8.49 -20.33
CA LEU B 91 0.68 -8.42 -19.12
C LEU B 91 1.55 -8.36 -17.87
N ARG B 92 2.61 -9.16 -17.83
CA ARG B 92 3.54 -9.13 -16.70
C ARG B 92 4.12 -7.73 -16.55
N TRP B 93 4.54 -7.12 -17.66
CA TRP B 93 5.08 -5.75 -17.61
C TRP B 93 4.02 -4.74 -17.20
N ALA B 94 2.82 -4.91 -17.74
CA ALA B 94 1.75 -3.95 -17.51
C ALA B 94 1.17 -4.04 -16.11
N LEU B 95 1.26 -5.20 -15.46
CA LEU B 95 0.57 -5.43 -14.19
C LEU B 95 1.46 -5.72 -12.98
N CYS B 96 2.65 -6.31 -13.15
CA CYS B 96 3.52 -6.56 -12.01
C CYS B 96 4.48 -5.38 -11.85
N VAL B 97 3.92 -4.26 -11.42
CA VAL B 97 4.64 -2.98 -11.40
C VAL B 97 5.17 -2.70 -10.00
N PRO B 98 6.08 -1.75 -9.85
CA PRO B 98 6.59 -1.43 -8.52
C PRO B 98 5.43 -1.06 -7.62
N GLY B 99 5.36 -1.75 -6.47
CA GLY B 99 4.36 -1.49 -5.45
C GLY B 99 3.07 -2.26 -5.60
N GLN B 100 2.96 -3.12 -6.60
CA GLN B 100 1.71 -3.83 -6.86
C GLN B 100 1.37 -4.71 -5.66
N LYS B 101 0.05 -4.88 -5.43
CA LYS B 101 -0.47 -5.73 -4.37
C LYS B 101 -1.09 -6.99 -4.98
N LYS B 102 -0.89 -8.11 -4.29
CA LYS B 102 -1.39 -9.40 -4.76
C LYS B 102 -2.87 -9.36 -5.03
N ASN B 103 -3.62 -8.67 -4.18
CA ASN B 103 -5.07 -8.74 -4.30
C ASN B 103 -5.64 -7.71 -5.28
N TRP B 104 -4.79 -6.96 -6.00
CA TRP B 104 -5.30 -6.07 -7.04
C TRP B 104 -5.37 -6.74 -8.41
N LEU B 105 -5.05 -8.03 -8.49
CA LEU B 105 -5.24 -8.86 -9.67
C LEU B 105 -6.35 -9.84 -9.34
N VAL B 106 -7.55 -9.59 -9.87
CA VAL B 106 -8.79 -10.18 -9.36
C VAL B 106 -9.40 -11.05 -10.44
N GLY B 107 -9.51 -12.34 -10.15
CA GLY B 107 -10.13 -13.27 -11.06
C GLY B 107 -11.47 -13.77 -10.58
N VAL B 108 -12.30 -14.24 -11.50
CA VAL B 108 -13.54 -14.94 -11.16
C VAL B 108 -13.46 -16.32 -11.78
N ARG B 109 -13.65 -17.33 -10.94
CA ARG B 109 -13.59 -18.73 -11.34
C ARG B 109 -14.94 -19.40 -11.14
N VAL B 110 -15.33 -20.26 -12.08
CA VAL B 110 -16.44 -21.17 -11.84
C VAL B 110 -15.88 -22.36 -11.05
N ASN B 111 -16.46 -22.63 -9.87
CA ASN B 111 -15.94 -23.65 -8.97
C ASN B 111 -15.94 -25.03 -9.62
N GLU B 112 -17.07 -25.42 -10.23
CA GLU B 112 -17.24 -26.79 -10.69
C GLU B 112 -16.21 -27.14 -11.76
N THR B 113 -15.93 -26.21 -12.67
CA THR B 113 -15.04 -26.44 -13.80
C THR B 113 -13.65 -25.80 -13.65
N LYS B 114 -13.42 -24.96 -12.64
CA LYS B 114 -12.15 -24.24 -12.46
C LYS B 114 -11.89 -23.24 -13.59
N LYS B 115 -12.92 -22.89 -14.37
CA LYS B 115 -12.72 -22.03 -15.53
C LYS B 115 -12.82 -20.57 -15.14
N MET B 116 -11.83 -19.79 -15.58
CA MET B 116 -11.80 -18.36 -15.32
C MET B 116 -12.76 -17.65 -16.29
N VAL B 117 -13.70 -16.87 -15.74
CA VAL B 117 -14.73 -16.21 -16.53
C VAL B 117 -14.78 -14.70 -16.34
N GLY B 118 -13.94 -14.16 -15.47
CA GLY B 118 -13.86 -12.73 -15.28
C GLY B 118 -12.49 -12.36 -14.78
N PHE B 119 -12.10 -11.10 -15.05
CA PHE B 119 -10.87 -10.50 -14.55
C PHE B 119 -11.11 -9.01 -14.34
N ILE B 120 -10.45 -8.43 -13.34
CA ILE B 120 -10.31 -6.99 -13.30
C ILE B 120 -9.01 -6.69 -12.55
N SER B 121 -8.33 -5.62 -12.96
CA SER B 121 -7.04 -5.33 -12.36
C SER B 121 -6.96 -3.87 -11.97
N ALA B 122 -6.12 -3.61 -10.98
CA ALA B 122 -5.69 -2.26 -10.65
C ALA B 122 -4.17 -2.27 -10.51
N ILE B 123 -3.51 -1.18 -10.91
CA ILE B 123 -2.08 -1.01 -10.65
C ILE B 123 -1.93 0.30 -9.88
N PRO B 124 -0.95 0.39 -9.01
CA PRO B 124 -0.69 1.65 -8.30
C PRO B 124 0.17 2.58 -9.15
N ILE B 125 -0.21 3.85 -9.18
CA ILE B 125 0.60 4.87 -9.85
C ILE B 125 0.57 6.10 -8.95
N LYS B 126 1.54 6.98 -9.18
CA LYS B 126 1.55 8.31 -8.59
C LYS B 126 1.08 9.31 -9.64
N VAL B 127 0.23 10.27 -9.23
CA VAL B 127 -0.20 11.33 -10.15
C VAL B 127 -0.13 12.70 -9.48
N ARG B 128 0.22 13.69 -10.29
CA ARG B 128 -0.09 15.06 -9.96
C ARG B 128 -1.37 15.44 -10.69
N ILE B 129 -2.26 16.10 -9.96
CA ILE B 129 -3.45 16.71 -10.53
C ILE B 129 -3.44 18.14 -10.03
N HIS B 130 -3.03 19.07 -10.90
CA HIS B 130 -2.93 20.49 -10.59
C HIS B 130 -2.04 20.63 -9.35
N ASN B 131 -2.54 21.17 -8.24
CA ASN B 131 -1.69 21.51 -7.10
C ASN B 131 -1.57 20.40 -6.07
N CYS B 132 -2.07 19.19 -6.39
CA CYS B 132 -2.09 18.03 -5.52
C CYS B 132 -1.26 16.89 -6.11
N ILE B 133 -0.72 16.06 -5.25
CA ILE B 133 -0.05 14.84 -5.66
C ILE B 133 -0.62 13.72 -4.79
N MET B 134 -0.70 12.52 -5.36
CA MET B 134 -1.27 11.40 -4.61
C MET B 134 -0.84 10.06 -5.20
N ASN B 135 -0.75 9.05 -4.33
CA ASN B 135 -0.83 7.67 -4.77
C ASN B 135 -2.26 7.38 -5.23
N THR B 136 -2.43 6.73 -6.37
CA THR B 136 -3.77 6.41 -6.83
C THR B 136 -3.71 5.05 -7.51
N SER B 137 -4.76 4.70 -8.23
CA SER B 137 -4.87 3.43 -8.90
C SER B 137 -5.30 3.65 -10.34
N VAL B 138 -5.00 2.66 -11.18
CA VAL B 138 -5.51 2.60 -12.54
C VAL B 138 -6.20 1.26 -12.70
N VAL B 139 -7.50 1.30 -13.00
CA VAL B 139 -8.27 0.06 -13.20
C VAL B 139 -8.28 -0.24 -14.69
N ASN B 140 -8.01 -1.50 -15.03
CA ASN B 140 -7.81 -1.89 -16.42
C ASN B 140 -8.03 -3.40 -16.53
N PHE B 141 -8.17 -3.85 -17.78
CA PHE B 141 -8.40 -5.26 -18.13
C PHE B 141 -9.66 -5.84 -17.53
N LEU B 142 -10.67 -5.00 -17.30
CA LEU B 142 -11.98 -5.53 -16.96
C LEU B 142 -12.50 -6.43 -18.07
N CYS B 143 -12.79 -7.69 -17.73
CA CYS B 143 -13.24 -8.61 -18.76
C CYS B 143 -14.24 -9.62 -18.19
N VAL B 144 -15.37 -9.78 -18.88
CA VAL B 144 -16.37 -10.80 -18.56
C VAL B 144 -16.55 -11.68 -19.78
N HIS B 145 -16.49 -12.99 -19.57
CA HIS B 145 -16.73 -13.97 -20.62
C HIS B 145 -18.00 -13.62 -21.40
N LYS B 146 -17.95 -13.82 -22.73
CA LYS B 146 -19.07 -13.43 -23.60
C LYS B 146 -20.39 -14.11 -23.22
N LYS B 147 -20.34 -15.36 -22.79
N LYS B 147 -20.33 -15.37 -22.80
CA LYS B 147 -21.58 -16.05 -22.41
CA LYS B 147 -21.55 -16.07 -22.40
C LYS B 147 -22.18 -15.51 -21.12
C LYS B 147 -22.17 -15.52 -21.12
N LEU B 148 -21.44 -14.70 -20.37
CA LEU B 148 -21.94 -14.13 -19.12
C LEU B 148 -22.27 -12.65 -19.24
N ARG B 149 -22.20 -12.08 -20.45
CA ARG B 149 -22.47 -10.66 -20.65
C ARG B 149 -23.93 -10.30 -20.40
N SER B 150 -24.15 -9.07 -19.94
CA SER B 150 -25.46 -8.48 -19.79
C SER B 150 -26.21 -9.06 -18.61
N LYS B 151 -25.48 -9.42 -17.56
CA LYS B 151 -26.05 -10.02 -16.35
C LYS B 151 -25.63 -9.25 -15.12
N ARG B 152 -25.15 -8.02 -15.31
CA ARG B 152 -24.76 -7.13 -14.23
C ARG B 152 -23.61 -7.71 -13.44
N LEU B 153 -22.74 -8.48 -14.09
CA LEU B 153 -21.54 -8.93 -13.38
C LEU B 153 -20.50 -7.82 -13.27
N ALA B 154 -20.48 -6.91 -14.23
CA ALA B 154 -19.40 -5.93 -14.30
C ALA B 154 -19.43 -5.01 -13.10
N PRO B 155 -20.60 -4.52 -12.68
CA PRO B 155 -20.63 -3.71 -11.47
C PRO B 155 -20.16 -4.47 -10.25
N VAL B 156 -20.29 -5.81 -10.26
CA VAL B 156 -19.76 -6.60 -9.14
C VAL B 156 -18.24 -6.55 -9.15
N LEU B 157 -17.62 -6.74 -10.31
CA LEU B 157 -16.16 -6.67 -10.38
C LEU B 157 -15.66 -5.26 -10.06
N ILE B 158 -16.39 -4.23 -10.49
CA ILE B 158 -15.97 -2.87 -10.23
C ILE B 158 -16.07 -2.55 -8.75
N LYS B 159 -17.22 -2.84 -8.15
N LYS B 159 -17.22 -2.86 -8.14
CA LYS B 159 -17.39 -2.63 -6.71
CA LYS B 159 -17.39 -2.63 -6.71
C LYS B 159 -16.32 -3.37 -5.93
C LYS B 159 -16.34 -3.39 -5.91
N GLU B 160 -15.99 -4.60 -6.35
CA GLU B 160 -15.02 -5.39 -5.58
C GLU B 160 -13.61 -4.82 -5.72
N ILE B 161 -13.17 -4.46 -6.93
CA ILE B 161 -11.85 -3.87 -7.05
C ILE B 161 -11.81 -2.56 -6.27
N THR B 162 -12.91 -1.82 -6.27
CA THR B 162 -12.99 -0.60 -5.48
C THR B 162 -12.77 -0.91 -4.00
N ARG B 163 -13.42 -1.94 -3.50
CA ARG B 163 -13.22 -2.29 -2.10
C ARG B 163 -11.75 -2.62 -1.82
N ARG B 164 -11.12 -3.42 -2.70
CA ARG B 164 -9.74 -3.81 -2.48
C ARG B 164 -8.79 -2.63 -2.59
N ILE B 165 -9.14 -1.62 -3.41
CA ILE B 165 -8.30 -0.42 -3.50
C ILE B 165 -8.44 0.42 -2.25
N ARG B 166 -9.68 0.62 -1.79
CA ARG B 166 -9.88 1.38 -0.57
C ARG B 166 -9.22 0.73 0.65
N CYS B 167 -9.10 -0.61 0.66
CA CYS B 167 -8.41 -1.25 1.78
C CYS B 167 -6.92 -0.90 1.81
N GLU B 168 -6.39 -0.37 0.73
CA GLU B 168 -5.03 0.16 0.72
C GLU B 168 -5.00 1.67 0.97
N LYS B 169 -6.10 2.23 1.48
CA LYS B 169 -6.22 3.66 1.79
C LYS B 169 -6.08 4.52 0.54
N ILE B 170 -6.53 4.00 -0.60
CA ILE B 170 -6.56 4.74 -1.87
C ILE B 170 -8.01 4.91 -2.29
N PHE B 171 -8.43 6.15 -2.55
CA PHE B 171 -9.84 6.47 -2.75
C PHE B 171 -10.14 7.10 -4.10
N GLN B 172 -9.15 7.19 -5.00
CA GLN B 172 -9.34 7.61 -6.36
C GLN B 172 -8.84 6.52 -7.31
N SER B 173 -9.27 6.62 -8.55
CA SER B 173 -8.77 5.79 -9.63
C SER B 173 -8.83 6.58 -10.94
N ILE B 174 -8.07 6.10 -11.92
CA ILE B 174 -8.08 6.65 -13.26
C ILE B 174 -8.34 5.49 -14.20
N TYR B 175 -9.15 5.72 -15.22
CA TYR B 175 -9.46 4.63 -16.13
C TYR B 175 -9.91 5.24 -17.46
N THR B 176 -9.74 4.47 -18.52
CA THR B 176 -10.16 4.88 -19.84
C THR B 176 -11.04 3.81 -20.43
N CYS B 177 -11.97 4.21 -21.28
N CYS B 177 -11.89 4.23 -21.35
CA CYS B 177 -12.92 3.33 -21.93
CA CYS B 177 -12.93 3.42 -21.94
C CYS B 177 -13.12 3.85 -23.35
C CYS B 177 -13.11 3.88 -23.38
N GLY B 178 -13.42 2.91 -24.25
CA GLY B 178 -13.79 3.22 -25.62
C GLY B 178 -15.21 3.70 -25.80
N LYS B 179 -15.93 4.03 -24.73
N LYS B 179 -15.94 4.03 -24.73
CA LYS B 179 -17.31 4.49 -24.82
CA LYS B 179 -17.30 4.53 -24.87
C LYS B 179 -17.57 5.54 -23.75
C LYS B 179 -17.58 5.53 -23.76
N ASN B 180 -18.67 6.28 -23.92
CA ASN B 180 -19.11 7.22 -22.89
C ASN B 180 -19.83 6.46 -21.79
N ILE B 181 -19.42 6.69 -20.55
CA ILE B 181 -20.06 6.10 -19.36
C ILE B 181 -20.65 7.25 -18.55
N THR B 182 -19.81 7.93 -17.76
CA THR B 182 -20.22 9.17 -17.12
C THR B 182 -19.57 10.32 -17.88
N LYS B 183 -19.31 11.45 -17.23
CA LYS B 183 -18.72 12.58 -17.97
C LYS B 183 -17.20 12.44 -18.01
N PRO B 184 -16.60 12.33 -19.18
CA PRO B 184 -15.14 12.26 -19.24
C PRO B 184 -14.51 13.62 -19.01
N PHE B 185 -13.36 13.61 -18.37
CA PHE B 185 -12.63 14.86 -18.20
C PHE B 185 -11.80 15.20 -19.45
N THR B 186 -11.47 14.23 -20.29
CA THR B 186 -10.97 14.52 -21.63
C THR B 186 -11.30 13.34 -22.52
N ILE B 187 -11.16 13.55 -23.82
CA ILE B 187 -11.36 12.51 -24.82
C ILE B 187 -10.12 12.47 -25.70
N GLY B 188 -9.50 11.30 -25.81
CA GLY B 188 -8.33 11.11 -26.64
C GLY B 188 -8.71 10.54 -27.98
N THR B 189 -8.13 11.11 -29.04
CA THR B 189 -8.34 10.62 -30.39
C THR B 189 -7.09 9.88 -30.87
N TYR B 190 -7.27 8.66 -31.33
CA TYR B 190 -6.19 7.89 -31.94
C TYR B 190 -5.99 8.29 -33.39
N TRP B 191 -4.72 8.34 -33.77
CA TRP B 191 -4.27 8.47 -35.15
C TRP B 191 -3.31 7.32 -35.45
N HIS B 192 -3.34 6.82 -36.69
CA HIS B 192 -2.61 5.63 -37.09
C HIS B 192 -1.56 6.02 -38.14
N ARG B 193 -0.34 5.57 -37.96
CA ARG B 193 0.66 5.68 -39.01
C ARG B 193 0.83 4.29 -39.59
N ILE B 194 0.55 4.16 -40.89
CA ILE B 194 0.53 2.87 -41.57
C ILE B 194 1.95 2.49 -41.94
N ILE B 195 2.40 1.31 -41.48
CA ILE B 195 3.77 0.87 -41.70
C ILE B 195 3.83 -0.26 -42.73
N ASN B 196 3.21 -1.40 -42.43
CA ASN B 196 3.20 -2.57 -43.32
C ASN B 196 1.87 -2.55 -44.08
N VAL B 197 1.89 -1.98 -45.29
CA VAL B 197 0.65 -1.82 -46.06
C VAL B 197 0.06 -3.17 -46.45
N LYS B 198 0.88 -4.05 -47.04
CA LYS B 198 0.36 -5.34 -47.51
C LYS B 198 -0.30 -6.11 -46.36
N LYS B 199 0.35 -6.16 -45.20
CA LYS B 199 -0.19 -6.92 -44.08
C LYS B 199 -1.51 -6.33 -43.59
N LEU B 200 -1.58 -4.99 -43.46
CA LEU B 200 -2.83 -4.40 -42.99
C LEU B 200 -3.94 -4.48 -44.04
N LEU B 201 -3.57 -4.49 -45.33
CA LEU B 201 -4.55 -4.82 -46.36
C LEU B 201 -5.08 -6.26 -46.19
N GLU B 202 -4.16 -7.21 -46.05
CA GLU B 202 -4.54 -8.60 -45.88
C GLU B 202 -5.42 -8.78 -44.66
N ALA B 203 -5.20 -7.96 -43.63
CA ALA B 203 -5.96 -8.00 -42.40
C ALA B 203 -7.27 -7.24 -42.47
N GLY B 204 -7.54 -6.46 -43.53
CA GLY B 204 -8.77 -5.69 -43.58
C GLY B 204 -8.79 -4.42 -42.76
N PHE B 205 -7.63 -3.97 -42.28
CA PHE B 205 -7.56 -2.76 -41.50
C PHE B 205 -7.76 -1.52 -42.37
N ILE B 206 -7.19 -1.55 -43.58
CA ILE B 206 -7.38 -0.55 -44.61
C ILE B 206 -7.73 -1.30 -45.89
N GLY B 207 -8.09 -0.53 -46.93
CA GLY B 207 -8.34 -1.09 -48.24
C GLY B 207 -7.61 -0.27 -49.29
N ILE B 208 -7.69 -0.76 -50.52
CA ILE B 208 -6.99 -0.14 -51.65
C ILE B 208 -7.96 0.84 -52.30
N PRO B 209 -7.71 2.14 -52.25
CA PRO B 209 -8.63 3.09 -52.89
C PRO B 209 -8.69 2.89 -54.40
N ARG B 210 -9.81 3.34 -54.97
CA ARG B 210 -10.02 3.15 -56.40
C ARG B 210 -8.96 3.82 -57.28
N ASN B 211 -8.46 5.00 -56.88
CA ASN B 211 -7.46 5.68 -57.71
C ASN B 211 -6.04 5.22 -57.39
N MET B 212 -5.87 3.98 -56.93
CA MET B 212 -4.58 3.50 -56.46
C MET B 212 -4.45 2.00 -56.64
N THR B 213 -3.23 1.53 -56.39
CA THR B 213 -2.86 0.13 -56.39
C THR B 213 -2.08 -0.14 -55.11
N MET B 214 -1.83 -1.41 -54.83
CA MET B 214 -1.00 -1.74 -53.67
C MET B 214 0.36 -1.04 -53.76
N SER B 215 0.88 -0.87 -54.98
CA SER B 215 2.19 -0.25 -55.18
C SER B 215 2.18 1.22 -54.79
N SER B 216 1.18 1.96 -55.24
CA SER B 216 1.15 3.38 -54.95
C SER B 216 0.76 3.61 -53.51
N LEU B 217 0.00 2.68 -52.95
CA LEU B 217 -0.35 2.77 -51.54
C LEU B 217 0.87 2.52 -50.68
N ILE B 218 1.70 1.56 -51.09
CA ILE B 218 2.98 1.37 -50.43
C ILE B 218 3.83 2.64 -50.51
N LYS B 219 3.83 3.28 -51.67
CA LYS B 219 4.70 4.45 -51.81
C LYS B 219 4.22 5.58 -50.92
N TYR B 220 2.91 5.84 -50.90
CA TYR B 220 2.41 6.98 -50.13
C TYR B 220 2.67 6.81 -48.64
N HIS B 221 2.51 5.61 -48.11
CA HIS B 221 2.67 5.44 -46.67
C HIS B 221 4.11 5.22 -46.23
N ARG B 222 5.05 5.22 -47.17
N ARG B 222 5.04 5.22 -47.17
CA ARG B 222 6.44 4.99 -46.86
CA ARG B 222 6.45 5.00 -46.86
C ARG B 222 6.91 5.89 -45.72
C ARG B 222 6.91 5.89 -45.72
N ILE B 223 7.61 5.29 -44.77
CA ILE B 223 8.28 6.07 -43.72
C ILE B 223 9.50 6.70 -44.37
N PRO B 224 9.66 8.02 -44.32
CA PRO B 224 10.79 8.64 -45.00
C PRO B 224 12.09 8.30 -44.30
N ALA B 225 13.10 7.95 -45.09
CA ALA B 225 14.37 7.55 -44.54
C ALA B 225 15.32 8.72 -44.34
N ASP B 226 15.06 9.82 -45.03
CA ASP B 226 15.89 11.02 -45.01
C ASP B 226 16.12 11.58 -43.62
N LYS B 227 17.05 12.53 -43.50
CA LYS B 227 17.19 13.42 -42.34
C LYS B 227 17.10 12.67 -41.02
N ARG B 228 18.17 11.93 -40.69
CA ARG B 228 18.22 11.14 -39.48
C ARG B 228 18.89 11.91 -38.34
N ILE B 229 18.33 11.76 -37.13
CA ILE B 229 18.91 12.33 -35.92
C ILE B 229 19.85 11.29 -35.32
N GLU B 230 21.13 11.64 -35.20
CA GLU B 230 22.13 10.76 -34.62
C GLU B 230 22.09 10.83 -33.09
N GLY B 231 22.54 9.75 -32.46
CA GLY B 231 22.80 9.76 -31.03
C GLY B 231 21.77 9.11 -30.15
N PHE B 232 20.84 8.35 -30.74
CA PHE B 232 19.79 7.63 -30.01
C PHE B 232 20.21 6.20 -29.81
N ARG B 233 19.87 5.63 -28.64
CA ARG B 233 20.23 4.27 -28.30
C ARG B 233 19.17 3.72 -27.35
N PRO B 234 19.06 2.40 -27.25
CA PRO B 234 18.16 1.83 -26.25
C PRO B 234 18.57 2.25 -24.86
N SER B 235 17.57 2.49 -24.00
CA SER B 235 17.87 2.74 -22.59
C SER B 235 18.39 1.47 -21.93
N VAL B 236 19.16 1.66 -20.86
CA VAL B 236 19.61 0.58 -19.99
C VAL B 236 19.32 0.99 -18.55
N ASP B 237 19.49 0.04 -17.63
CA ASP B 237 19.10 0.28 -16.25
C ASP B 237 19.88 1.45 -15.65
N SER B 238 21.17 1.59 -15.99
CA SER B 238 21.96 2.64 -15.37
C SER B 238 21.52 4.04 -15.81
N ASP B 239 20.72 4.14 -16.87
CA ASP B 239 20.15 5.42 -17.31
C ASP B 239 19.07 5.95 -16.38
N ALA B 240 18.66 5.20 -15.37
CA ALA B 240 17.37 5.51 -14.73
C ALA B 240 17.39 6.84 -13.99
N GLU B 241 18.48 7.15 -13.27
CA GLU B 241 18.49 8.42 -12.56
C GLU B 241 18.39 9.59 -13.53
N GLN B 242 19.17 9.54 -14.62
CA GLN B 242 19.06 10.58 -15.63
C GLN B 242 17.66 10.65 -16.23
N ILE B 243 17.07 9.50 -16.54
CA ILE B 243 15.73 9.51 -17.11
C ILE B 243 14.73 10.09 -16.12
N CYS B 244 14.87 9.70 -14.85
CA CYS B 244 13.97 10.22 -13.82
C CYS B 244 14.07 11.73 -13.76
N LYS B 245 15.29 12.26 -13.81
CA LYS B 245 15.50 13.70 -13.87
C LYS B 245 14.93 14.30 -15.17
N LEU B 246 15.11 13.60 -16.29
CA LEU B 246 14.54 14.06 -17.56
C LEU B 246 13.03 14.29 -17.46
N PHE B 247 12.33 13.37 -16.81
CA PHE B 247 10.88 13.52 -16.66
C PHE B 247 10.54 14.64 -15.70
N GLU B 248 11.28 14.74 -14.60
CA GLU B 248 11.02 15.82 -13.67
C GLU B 248 11.09 17.16 -14.37
N ASN B 249 12.12 17.35 -15.20
CA ASN B 249 12.28 18.62 -15.90
C ASN B 249 11.17 18.85 -16.90
N TYR B 250 10.72 17.77 -17.57
CA TYR B 250 9.64 17.90 -18.56
C TYR B 250 8.34 18.33 -17.89
N PHE B 251 7.99 17.69 -16.78
CA PHE B 251 6.76 18.07 -16.09
C PHE B 251 6.89 19.42 -15.44
N MET B 252 8.09 19.80 -15.02
CA MET B 252 8.29 21.18 -14.56
C MET B 252 8.06 22.16 -15.71
N LYS B 253 8.53 21.80 -16.91
CA LYS B 253 8.42 22.71 -18.05
C LYS B 253 6.95 22.97 -18.41
N TYR B 254 6.12 21.93 -18.43
CA TYR B 254 4.72 22.04 -18.84
C TYR B 254 3.76 22.15 -17.66
N LYS B 255 4.27 22.38 -16.45
CA LYS B 255 3.41 22.51 -15.28
C LYS B 255 2.32 23.55 -15.49
N ASP B 256 1.18 23.32 -14.87
CA ASP B 256 0.08 24.28 -14.85
C ASP B 256 -0.11 24.91 -13.48
N VAL B 257 0.88 24.81 -12.60
CA VAL B 257 0.89 25.54 -11.34
C VAL B 257 2.24 26.21 -11.19
N SER B 258 2.36 27.02 -10.16
CA SER B 258 3.59 27.80 -10.02
C SER B 258 4.77 26.89 -9.66
N ASN B 259 5.97 27.44 -9.86
CA ASN B 259 7.17 26.74 -9.42
C ASN B 259 7.09 26.40 -7.93
N GLU B 260 6.68 27.36 -7.11
CA GLU B 260 6.57 27.10 -5.68
C GLU B 260 5.55 26.01 -5.40
N THR B 261 4.42 26.03 -6.10
CA THR B 261 3.44 24.98 -5.90
C THR B 261 3.98 23.64 -6.34
N MET B 262 4.71 23.60 -7.45
CA MET B 262 5.21 22.32 -7.96
C MET B 262 6.18 21.66 -6.99
N ASN B 263 6.91 22.46 -6.22
CA ASN B 263 7.80 21.97 -5.18
C ASN B 263 7.13 21.79 -3.84
N ASN B 264 5.85 22.15 -3.69
CA ASN B 264 5.13 22.01 -2.43
C ASN B 264 3.72 21.51 -2.69
N LEU B 265 3.59 20.45 -3.48
CA LEU B 265 2.28 19.95 -3.85
C LEU B 265 1.59 19.41 -2.61
N ILE B 266 0.26 19.54 -2.60
CA ILE B 266 -0.53 19.01 -1.50
C ILE B 266 -0.55 17.50 -1.62
N ASN B 267 -0.06 16.81 -0.59
CA ASN B 267 0.02 15.35 -0.63
C ASN B 267 -1.30 14.78 -0.11
N TYR B 268 -2.15 14.33 -1.01
CA TYR B 268 -3.45 13.89 -0.55
C TYR B 268 -3.33 12.65 0.33
N ASP B 269 -2.28 11.84 0.13
CA ASP B 269 -2.09 10.66 1.00
C ASP B 269 -2.06 11.03 2.49
N GLU B 270 -1.53 12.20 2.83
CA GLU B 270 -1.36 12.56 4.24
C GLU B 270 -2.64 13.09 4.87
N ILE B 271 -3.66 13.41 4.09
CA ILE B 271 -4.84 14.08 4.61
C ILE B 271 -6.15 13.36 4.26
N ASN B 272 -6.12 12.27 3.49
CA ASN B 272 -7.37 11.64 3.05
C ASN B 272 -8.06 10.81 4.13
N HIS B 273 -7.47 10.69 5.32
CA HIS B 273 -8.09 10.06 6.49
C HIS B 273 -9.04 10.98 7.24
N SER B 274 -9.14 12.24 6.84
CA SER B 274 -9.85 13.24 7.61
C SER B 274 -10.71 14.11 6.71
N LYS B 275 -12.00 14.21 7.03
CA LYS B 275 -12.88 15.08 6.27
C LYS B 275 -12.49 16.54 6.41
N GLU B 276 -11.92 16.93 7.56
CA GLU B 276 -11.51 18.32 7.72
C GLU B 276 -10.20 18.60 7.00
N LEU B 277 -9.19 17.76 7.18
CA LEU B 277 -7.90 18.03 6.57
C LEU B 277 -7.94 17.85 5.06
N GLY B 278 -8.69 16.84 4.58
CA GLY B 278 -8.79 16.58 3.16
C GLY B 278 -9.37 17.72 2.36
N LYS B 279 -10.07 18.66 3.01
CA LYS B 279 -10.62 19.81 2.31
C LYS B 279 -9.53 20.72 1.78
N GLN B 280 -8.33 20.64 2.33
CA GLN B 280 -7.22 21.39 1.77
C GLN B 280 -6.98 21.12 0.30
N ALA B 281 -7.46 19.99 -0.20
CA ALA B 281 -7.22 19.64 -1.60
C ALA B 281 -8.14 20.35 -2.58
N TYR B 282 -9.16 21.06 -2.13
CA TYR B 282 -10.05 21.72 -3.09
C TYR B 282 -9.36 22.97 -3.64
N MET B 283 -9.55 23.23 -4.92
CA MET B 283 -8.94 24.41 -5.53
C MET B 283 -9.90 24.92 -6.59
N LYS B 284 -10.29 26.17 -6.45
CA LYS B 284 -11.07 26.87 -7.46
C LYS B 284 -10.12 27.38 -8.54
N LEU B 285 -10.54 27.24 -9.78
CA LEU B 285 -9.82 27.82 -10.91
C LEU B 285 -10.59 29.05 -11.37
N ASP B 286 -9.95 30.21 -11.31
CA ASP B 286 -10.67 31.43 -11.67
C ASP B 286 -10.84 31.54 -13.17
N LYS B 287 -9.85 31.12 -13.95
CA LYS B 287 -9.96 31.16 -15.40
C LYS B 287 -9.43 29.86 -15.99
N ILE B 288 -10.26 29.19 -16.81
CA ILE B 288 -9.81 27.95 -17.43
C ILE B 288 -8.63 28.18 -18.35
N GLU B 289 -8.50 29.41 -18.86
CA GLU B 289 -7.39 29.74 -19.74
C GLU B 289 -6.05 29.62 -19.04
N ASP B 290 -6.03 29.69 -17.70
CA ASP B 290 -4.79 29.43 -16.97
C ASP B 290 -4.16 28.08 -17.33
N LEU B 291 -4.93 27.13 -17.87
CA LEU B 291 -4.40 25.80 -18.16
C LEU B 291 -3.99 25.61 -19.61
N GLN B 292 -4.26 26.61 -20.45
CA GLN B 292 -3.94 26.56 -21.87
C GLN B 292 -2.48 26.18 -22.11
N ASP B 293 -2.28 25.08 -22.84
CA ASP B 293 -1.00 24.61 -23.36
C ASP B 293 -0.09 24.02 -22.29
N LYS B 294 -0.62 23.71 -21.13
CA LYS B 294 0.12 23.12 -20.03
C LYS B 294 -0.42 21.74 -19.75
N ILE B 295 0.26 21.03 -18.83
CA ILE B 295 -0.19 19.70 -18.38
C ILE B 295 -0.82 19.86 -17.02
N THR B 296 -1.96 19.21 -16.84
CA THR B 296 -2.77 19.39 -15.64
C THR B 296 -2.82 18.12 -14.77
N ILE B 297 -2.75 16.96 -15.38
CA ILE B 297 -2.73 15.68 -14.68
C ILE B 297 -1.75 14.77 -15.39
N HIS B 298 -0.83 14.15 -14.65
CA HIS B 298 0.15 13.27 -15.25
C HIS B 298 0.64 12.29 -14.22
N GLN B 299 1.12 11.15 -14.72
CA GLN B 299 1.84 10.20 -13.90
C GLN B 299 3.19 10.78 -13.47
N CYS B 300 3.61 10.42 -12.25
CA CYS B 300 4.91 10.77 -11.72
C CYS B 300 5.73 9.52 -11.52
N PHE B 301 7.00 9.56 -11.95
CA PHE B 301 7.87 8.39 -11.90
C PHE B 301 9.06 8.63 -10.98
N ASN B 302 9.32 7.70 -10.07
CA ASN B 302 10.58 7.69 -9.34
C ASN B 302 11.54 6.74 -10.03
N VAL B 303 12.77 6.63 -9.49
CA VAL B 303 13.82 5.90 -10.19
C VAL B 303 13.42 4.44 -10.37
N GLU B 304 12.76 3.85 -9.37
CA GLU B 304 12.31 2.47 -9.49
C GLU B 304 11.24 2.31 -10.56
N ASP B 305 10.31 3.27 -10.64
CA ASP B 305 9.31 3.26 -11.70
C ASP B 305 9.95 3.41 -13.08
N VAL B 306 10.87 4.36 -13.21
CA VAL B 306 11.56 4.57 -14.49
C VAL B 306 12.26 3.28 -14.94
N LYS B 307 13.00 2.65 -14.02
CA LYS B 307 13.61 1.36 -14.31
C LYS B 307 12.60 0.35 -14.86
N HIS B 308 11.39 0.33 -14.30
CA HIS B 308 10.44 -0.69 -14.74
C HIS B 308 9.80 -0.34 -16.08
N TYR B 309 9.28 0.88 -16.20
CA TYR B 309 8.50 1.28 -17.37
C TYR B 309 9.36 1.63 -18.59
N PHE B 310 10.37 2.49 -18.42
CA PHE B 310 11.16 3.00 -19.55
C PHE B 310 12.37 2.11 -19.85
N THR B 311 12.03 0.87 -20.21
CA THR B 311 12.99 -0.18 -20.47
C THR B 311 12.77 -0.76 -21.86
N ASN B 312 13.46 -1.84 -22.17
CA ASN B 312 13.32 -2.52 -23.44
C ASN B 312 13.10 -4.00 -23.18
N ILE B 313 11.94 -4.50 -23.59
CA ILE B 313 11.59 -5.91 -23.56
C ILE B 313 11.05 -6.23 -24.95
N ASP B 314 11.69 -7.17 -25.62
CA ASP B 314 11.30 -7.67 -26.94
C ASP B 314 9.79 -7.85 -27.04
N LYS B 315 9.20 -7.18 -28.03
CA LYS B 315 7.79 -7.32 -28.38
C LYS B 315 6.85 -6.77 -27.32
N VAL B 316 7.33 -5.85 -26.47
CA VAL B 316 6.50 -5.33 -25.39
C VAL B 316 6.70 -3.83 -25.25
N ILE B 317 7.94 -3.41 -24.98
CA ILE B 317 8.26 -2.03 -24.66
C ILE B 317 9.62 -1.65 -25.24
N VAL B 318 9.66 -0.50 -25.88
CA VAL B 318 10.84 0.06 -26.51
C VAL B 318 11.05 1.47 -25.99
N THR B 319 12.24 1.73 -25.46
CA THR B 319 12.63 3.03 -24.91
C THR B 319 14.02 3.35 -25.46
N TYR B 320 14.15 4.50 -26.13
CA TYR B 320 15.44 4.99 -26.60
C TYR B 320 15.70 6.37 -26.03
N VAL B 321 16.97 6.67 -25.81
CA VAL B 321 17.41 7.95 -25.28
C VAL B 321 18.43 8.54 -26.24
N ARG B 322 18.47 9.85 -26.29
CA ARG B 322 19.51 10.56 -27.02
C ARG B 322 20.50 11.16 -26.03
N GLU B 323 21.79 11.00 -26.34
CA GLU B 323 22.86 11.63 -25.57
C GLU B 323 23.40 12.81 -26.36
N ASN B 324 23.93 13.80 -25.65
CA ASN B 324 24.64 14.90 -26.28
C ASN B 324 26.15 14.61 -26.26
N LYS B 325 26.97 15.60 -26.65
CA LYS B 325 28.41 15.38 -26.72
C LYS B 325 29.02 15.22 -25.32
N ASN B 326 28.31 15.64 -24.27
CA ASN B 326 28.72 15.41 -22.90
C ASN B 326 28.29 14.02 -22.39
N LYS B 327 27.64 13.23 -23.25
CA LYS B 327 27.11 11.92 -22.86
C LYS B 327 26.05 12.06 -21.77
N GLU B 328 25.31 13.18 -21.79
CA GLU B 328 24.15 13.40 -20.95
C GLU B 328 22.90 13.07 -21.76
N ILE B 329 21.98 12.29 -21.17
CA ILE B 329 20.70 12.01 -21.81
C ILE B 329 19.89 13.29 -21.88
N THR B 330 19.39 13.60 -23.09
CA THR B 330 18.69 14.85 -23.32
C THR B 330 17.30 14.67 -23.92
N ASP B 331 16.97 13.49 -24.40
CA ASP B 331 15.73 13.23 -25.14
C ASP B 331 15.36 11.77 -24.90
N LEU B 332 14.07 11.46 -25.06
CA LEU B 332 13.60 10.08 -24.89
C LEU B 332 12.36 9.88 -25.73
N PHE B 333 12.31 8.75 -26.43
CA PHE B 333 11.07 8.26 -27.02
C PHE B 333 10.81 6.85 -26.50
N SER B 334 9.52 6.50 -26.39
CA SER B 334 9.12 5.16 -25.99
C SER B 334 7.79 4.81 -26.63
N PHE B 335 7.58 3.52 -26.81
CA PHE B 335 6.28 3.03 -27.28
C PHE B 335 6.16 1.59 -26.83
N PHE B 336 4.92 1.16 -26.56
CA PHE B 336 4.70 -0.25 -26.27
C PHE B 336 3.98 -0.90 -27.45
N ILE B 337 3.92 -2.23 -27.39
CA ILE B 337 3.54 -3.08 -28.51
C ILE B 337 2.49 -4.08 -28.06
N ILE B 338 1.38 -4.15 -28.79
CA ILE B 338 0.31 -5.11 -28.51
C ILE B 338 -0.13 -5.77 -29.81
N GLU B 339 -0.20 -7.10 -29.79
CA GLU B 339 -0.80 -7.85 -30.86
C GLU B 339 -2.31 -7.86 -30.73
N SER B 340 -3.00 -7.87 -31.89
CA SER B 340 -4.44 -8.03 -31.98
C SER B 340 -4.81 -9.16 -32.95
N THR B 341 -5.81 -9.94 -32.57
CA THR B 341 -6.36 -10.97 -33.45
C THR B 341 -7.16 -10.31 -34.56
N VAL B 342 -6.99 -10.84 -35.76
CA VAL B 342 -7.86 -10.55 -36.91
C VAL B 342 -8.98 -11.58 -36.83
N ILE B 343 -10.13 -11.18 -36.28
CA ILE B 343 -11.17 -12.13 -35.91
C ILE B 343 -11.61 -12.97 -37.10
N ASN B 344 -11.94 -12.32 -38.21
CA ASN B 344 -12.58 -13.00 -39.33
C ASN B 344 -11.54 -13.57 -40.29
N ASN B 345 -10.42 -14.07 -39.77
CA ASN B 345 -9.34 -14.53 -40.63
C ASN B 345 -8.63 -15.68 -39.96
N GLU B 346 -8.68 -16.85 -40.58
CA GLU B 346 -8.02 -18.00 -39.98
C GLU B 346 -6.55 -18.14 -40.39
N ARG B 347 -6.13 -17.58 -41.55
CA ARG B 347 -4.77 -17.80 -42.04
C ARG B 347 -3.82 -16.61 -41.90
N PHE B 348 -4.31 -15.43 -41.58
CA PHE B 348 -3.44 -14.29 -41.26
C PHE B 348 -3.90 -13.74 -39.92
N PRO B 349 -3.59 -14.46 -38.83
CA PRO B 349 -4.38 -14.29 -37.60
C PRO B 349 -4.08 -13.07 -36.75
N THR B 350 -2.92 -12.40 -36.87
CA THR B 350 -2.68 -11.24 -36.02
C THR B 350 -1.93 -10.11 -36.73
N ILE B 351 -2.05 -8.92 -36.14
CA ILE B 351 -1.29 -7.74 -36.53
C ILE B 351 -0.63 -7.21 -35.27
N ASN B 352 0.38 -6.37 -35.48
CA ASN B 352 1.25 -5.88 -34.42
C ASN B 352 1.22 -4.35 -34.43
N ILE B 353 0.75 -3.77 -33.33
N ILE B 353 0.73 -3.75 -33.34
CA ILE B 353 0.53 -2.33 -33.25
CA ILE B 353 0.53 -2.31 -33.29
C ILE B 353 1.43 -1.73 -32.19
C ILE B 353 1.42 -1.71 -32.19
N ALA B 354 2.13 -0.64 -32.54
CA ALA B 354 2.87 0.15 -31.56
C ALA B 354 2.01 1.31 -31.09
N TYR B 355 2.18 1.68 -29.81
CA TYR B 355 1.42 2.75 -29.17
C TYR B 355 2.41 3.72 -28.54
N SER B 356 2.33 4.99 -28.94
CA SER B 356 3.20 6.00 -28.35
C SER B 356 2.97 6.04 -26.84
N TYR B 357 4.06 6.14 -26.07
CA TYR B 357 4.01 6.07 -24.61
C TYR B 357 4.37 7.43 -24.07
N PHE B 358 5.61 7.68 -23.63
CA PHE B 358 6.05 8.99 -23.19
C PHE B 358 7.24 9.45 -23.99
N ASN B 359 7.24 10.72 -24.39
CA ASN B 359 8.22 11.26 -25.32
C ASN B 359 8.64 12.65 -24.90
N ILE B 360 9.96 12.88 -24.87
CA ILE B 360 10.55 14.13 -24.40
C ILE B 360 11.59 14.56 -25.44
N ALA B 361 11.37 15.72 -26.07
CA ALA B 361 12.25 16.25 -27.11
C ALA B 361 12.78 17.58 -26.61
N ASN B 362 14.07 17.62 -26.31
CA ASN B 362 14.73 18.84 -25.91
C ASN B 362 15.75 19.35 -26.91
N THR B 363 16.44 18.46 -27.63
CA THR B 363 17.48 18.89 -28.54
C THR B 363 17.04 18.80 -30.00
N CYS B 364 15.93 18.11 -30.27
CA CYS B 364 15.31 18.05 -31.57
C CYS B 364 13.84 18.43 -31.43
N SER B 365 13.17 18.63 -32.56
CA SER B 365 11.74 18.82 -32.53
C SER B 365 11.03 17.52 -32.20
N LEU B 366 9.80 17.66 -31.72
CA LEU B 366 9.01 16.46 -31.44
C LEU B 366 8.72 15.70 -32.73
N LYS B 367 8.53 16.39 -33.85
CA LYS B 367 8.36 15.70 -35.13
C LYS B 367 9.59 14.86 -35.46
N GLU B 368 10.78 15.42 -35.25
CA GLU B 368 12.00 14.68 -35.55
C GLU B 368 12.14 13.47 -34.63
N LEU B 369 11.78 13.63 -33.36
CA LEU B 369 11.86 12.50 -32.45
C LEU B 369 10.88 11.41 -32.86
N PHE B 370 9.64 11.78 -33.21
CA PHE B 370 8.68 10.76 -33.67
C PHE B 370 9.15 10.09 -34.95
N ASN B 371 9.89 10.81 -35.81
CA ASN B 371 10.39 10.15 -37.01
C ASN B 371 11.40 9.06 -36.65
N GLU B 372 12.31 9.36 -35.73
CA GLU B 372 13.21 8.34 -35.21
C GLU B 372 12.43 7.17 -34.59
N MET B 373 11.39 7.46 -33.84
CA MET B 373 10.62 6.38 -33.20
C MET B 373 9.86 5.56 -34.23
N LEU B 374 9.36 6.21 -35.29
N LEU B 374 9.37 6.21 -35.30
CA LEU B 374 8.63 5.46 -36.32
CA LEU B 374 8.63 5.48 -36.31
C LEU B 374 9.54 4.46 -37.00
C LEU B 374 9.52 4.50 -37.04
N ILE B 375 10.77 4.88 -37.34
CA ILE B 375 11.72 3.95 -37.95
C ILE B 375 12.02 2.80 -37.01
N THR B 376 12.14 3.08 -35.71
CA THR B 376 12.40 2.02 -34.75
C THR B 376 11.20 1.09 -34.63
N ALA B 377 10.00 1.64 -34.60
CA ALA B 377 8.81 0.80 -34.59
C ALA B 377 8.78 -0.11 -35.81
N LYS B 378 9.15 0.42 -37.00
CA LYS B 378 9.21 -0.43 -38.18
C LYS B 378 10.25 -1.52 -38.01
N ASN B 379 11.39 -1.16 -37.45
CA ASN B 379 12.46 -2.14 -37.25
C ASN B 379 12.08 -3.19 -36.23
N ASN B 380 11.11 -2.89 -35.37
CA ASN B 380 10.57 -3.84 -34.40
C ASN B 380 9.34 -4.61 -34.92
N ASN B 381 9.14 -4.65 -36.24
CA ASN B 381 8.07 -5.45 -36.86
C ASN B 381 6.67 -5.03 -36.43
N CYS B 382 6.45 -3.73 -36.24
CA CYS B 382 5.11 -3.23 -35.99
C CYS B 382 4.45 -2.89 -37.32
N ASP B 383 3.14 -3.22 -37.42
CA ASP B 383 2.43 -3.05 -38.69
C ASP B 383 1.86 -1.65 -38.85
N ALA B 384 1.62 -0.98 -37.72
CA ALA B 384 1.17 0.40 -37.64
C ALA B 384 1.67 1.00 -36.34
N PHE B 385 1.68 2.33 -36.31
CA PHE B 385 2.07 3.09 -35.12
C PHE B 385 0.94 4.02 -34.75
N ASN B 386 0.45 3.90 -33.51
CA ASN B 386 -0.71 4.65 -33.03
C ASN B 386 -0.26 5.75 -32.08
N THR B 387 -0.95 6.89 -32.15
CA THR B 387 -0.66 8.06 -31.33
C THR B 387 -1.97 8.75 -30.97
N LEU B 388 -2.10 9.09 -29.71
CA LEU B 388 -3.18 9.91 -29.19
C LEU B 388 -2.78 11.37 -29.30
N ASP B 389 -3.78 12.24 -29.36
CA ASP B 389 -3.55 13.67 -29.22
C ASP B 389 -3.42 14.11 -27.77
N LEU B 390 -2.69 13.35 -26.98
CA LEU B 390 -2.34 13.77 -25.63
C LEU B 390 -1.02 14.55 -25.64
N MET B 391 -0.76 15.27 -24.55
CA MET B 391 0.47 16.05 -24.34
C MET B 391 0.69 16.91 -25.59
N GLN B 392 1.89 16.92 -26.18
CA GLN B 392 2.17 17.77 -27.36
C GLN B 392 2.14 16.99 -28.68
N ASN B 393 1.46 15.83 -28.71
CA ASN B 393 1.49 14.96 -29.87
C ASN B 393 0.78 15.54 -31.07
N LEU B 394 -0.19 16.43 -30.86
CA LEU B 394 -0.86 16.98 -32.02
C LEU B 394 0.15 17.70 -32.93
N GLN B 395 1.28 18.15 -32.37
CA GLN B 395 2.32 18.75 -33.21
C GLN B 395 2.77 17.76 -34.29
N VAL B 396 2.91 16.50 -33.93
CA VAL B 396 3.46 15.50 -34.84
C VAL B 396 2.37 14.93 -35.74
N ILE B 397 1.17 14.79 -35.19
CA ILE B 397 0.04 14.33 -35.99
C ILE B 397 -0.28 15.34 -37.08
N GLN B 398 -0.28 16.62 -36.74
CA GLN B 398 -0.41 17.65 -37.76
C GLN B 398 0.75 17.58 -38.75
N ASP B 399 0.47 17.90 -40.00
CA ASP B 399 1.51 17.90 -41.03
C ASP B 399 2.29 16.58 -40.96
N SER B 400 1.60 15.53 -41.37
CA SER B 400 2.17 14.18 -41.39
C SER B 400 1.23 13.30 -42.19
N LYS B 401 1.50 11.99 -42.18
CA LYS B 401 0.70 11.00 -42.88
C LYS B 401 -0.05 10.07 -41.91
N PHE B 402 -0.26 10.51 -40.69
CA PHE B 402 -1.17 9.84 -39.79
C PHE B 402 -2.59 9.90 -40.32
N ILE B 403 -3.35 8.81 -40.09
CA ILE B 403 -4.73 8.64 -40.53
C ILE B 403 -5.59 8.59 -39.28
N ILE B 404 -6.74 9.29 -39.29
CA ILE B 404 -7.50 9.32 -38.04
C ILE B 404 -8.15 7.96 -37.76
N GLY B 405 -8.26 7.64 -36.49
CA GLY B 405 -8.87 6.40 -36.07
C GLY B 405 -10.35 6.52 -35.71
N THR B 406 -11.03 5.38 -35.81
CA THR B 406 -12.46 5.31 -35.52
C THR B 406 -12.74 5.55 -34.04
N GLY B 407 -12.07 4.84 -33.16
CA GLY B 407 -12.40 4.93 -31.76
C GLY B 407 -11.97 6.24 -31.11
N ARG B 408 -12.60 6.52 -29.97
CA ARG B 408 -12.29 7.65 -29.10
C ARG B 408 -12.14 7.12 -27.68
N LEU B 409 -11.08 7.52 -26.99
CA LEU B 409 -10.81 7.10 -25.62
C LEU B 409 -11.32 8.13 -24.63
N ARG B 410 -12.36 7.78 -23.85
CA ARG B 410 -12.84 8.67 -22.79
C ARG B 410 -12.01 8.47 -21.52
N TYR B 411 -11.53 9.58 -20.93
CA TYR B 411 -10.72 9.51 -19.71
C TYR B 411 -11.60 9.86 -18.52
N TYR B 412 -11.48 9.08 -17.45
CA TYR B 412 -12.31 9.25 -16.27
C TYR B 412 -11.42 9.27 -15.02
N VAL B 413 -11.85 9.98 -14.01
CA VAL B 413 -11.20 9.92 -12.70
C VAL B 413 -12.30 9.63 -11.69
N PHE B 414 -12.10 8.59 -10.90
CA PHE B 414 -13.03 8.22 -9.85
C PHE B 414 -12.75 9.02 -8.59
N ASN B 415 -13.81 9.67 -8.06
CA ASN B 415 -13.81 10.43 -6.81
C ASN B 415 -12.84 11.61 -6.84
N TRP B 416 -12.71 12.25 -7.98
CA TRP B 416 -12.05 13.56 -8.05
C TRP B 416 -12.74 14.41 -9.10
N LYS B 417 -12.65 15.72 -8.94
CA LYS B 417 -13.18 16.68 -9.91
C LYS B 417 -12.02 17.22 -10.75
N ILE B 418 -12.15 17.11 -12.06
CA ILE B 418 -11.23 17.77 -12.97
C ILE B 418 -12.09 18.51 -13.99
N PRO B 419 -11.87 19.79 -14.26
CA PRO B 419 -12.62 20.46 -15.34
C PRO B 419 -12.42 19.72 -16.65
N GLN B 420 -13.40 19.80 -17.53
CA GLN B 420 -13.17 19.24 -18.87
C GLN B 420 -11.98 19.98 -19.50
N ILE B 421 -11.01 19.22 -19.97
CA ILE B 421 -9.77 19.79 -20.46
C ILE B 421 -9.37 19.15 -21.78
N SER B 422 -8.57 19.89 -22.51
CA SER B 422 -8.01 19.37 -23.75
C SER B 422 -7.14 18.16 -23.43
N PRO B 423 -7.12 17.14 -24.32
CA PRO B 423 -6.19 16.02 -24.12
C PRO B 423 -4.74 16.44 -24.11
N SER B 424 -4.40 17.58 -24.75
CA SER B 424 -3.02 18.07 -24.60
C SER B 424 -2.62 18.32 -23.14
N ASN B 425 -3.60 18.50 -22.23
CA ASN B 425 -3.33 18.72 -20.82
C ASN B 425 -3.15 17.44 -20.02
N VAL B 426 -3.17 16.29 -20.65
CA VAL B 426 -3.22 15.00 -19.96
C VAL B 426 -1.99 14.19 -20.32
N GLY B 427 -1.22 13.81 -19.29
CA GLY B 427 -0.04 12.98 -19.44
C GLY B 427 -0.27 11.65 -18.75
N ILE B 428 -1.29 10.92 -19.20
CA ILE B 428 -1.65 9.63 -18.66
C ILE B 428 -1.86 8.71 -19.84
N ILE B 429 -1.06 7.63 -19.91
CA ILE B 429 -1.16 6.64 -20.97
C ILE B 429 -1.44 5.30 -20.33
N LEU B 430 -2.53 4.66 -20.75
CA LEU B 430 -2.98 3.41 -20.15
C LEU B 430 -2.73 2.28 -21.12
N PHE B 431 -2.50 1.10 -20.59
CA PHE B 431 -2.10 -0.03 -21.42
C PHE B 431 -3.28 -0.82 -21.98
#